data_1RFI
#
_entry.id   1RFI
#
_cell.length_a   49.820
_cell.length_b   104.832
_cell.length_c   193.539
_cell.angle_alpha   90.00
_cell.angle_beta   90.00
_cell.angle_gamma   90.00
#
_symmetry.space_group_name_H-M   'P 21 21 21'
#
loop_
_entity.id
_entity.type
_entity.pdbx_description
1 polymer "5'-D(*AP*GP*TP*C)-3'"
2 polymer 'Tyrosyl-DNA phosphodiesterase 1'
3 polymer 'Topoisomerase I-Derived Peptide'
4 non-polymer 'VANADATE ION'
5 non-polymer SPERMINE
6 water water
#
loop_
_entity_poly.entity_id
_entity_poly.type
_entity_poly.pdbx_seq_one_letter_code
_entity_poly.pdbx_strand_id
1 'polydeoxyribonucleotide' (DA)(DG)(DT)(DC) D,F
2 'polypeptide(L)'
;MGSSHHHHHHSSGLVPRGSHMLEDPGEGQDIWDMLDKGNPFQFYLTRVSGVKPKYNSGALHIKDILSPLFGTLVSSAQFN
YCFDVDWLVKQYPPEFRKKPILLVHGDKREAKAHLHAQAKPYENISLCQAKLDIAFGTHHTKMMLLLYEEGLRVVIHTSN
LIHADWHQKTQGIWLSPLYPRIADGTHKSGESPTHFKANLISYLTAYNAPSLKEWIDVIHKHDLSETNVYLIGSTPGRFQ
GSQKDNWGHFRLKKLLKDHASSMPNAESWPVVGQFSSVGSLGADESKWLCSEFKESMLTLGKESKTPGKSSVPLYLIYPS
VENVRTSLEGYPAGGSLPYSIQTAEKQNWLHSYFHKWSAETSGRSNAMPHIKTYMRPSPDFSKIAWFLVTSANLSKAAWG
ALEKNGTQLMIRSYELGVLFLPSALGLDSFKVKQKFFAGSQEPMATFPVPYDLPPELYGSKDRPWIWNIPYVKAPDTHGN
MWVPS
;
A,B
3 'polypeptide(L)' KLNYK C,E
#
# COMPACT_ATOMS: atom_id res chain seq x y z
N ASN C 39 22.77 -1.48 -3.43
CA ASN C 39 22.08 -2.67 -4.03
C ASN C 39 20.64 -2.77 -3.50
N PRO C 40 19.67 -2.39 -4.33
CA PRO C 40 18.28 -2.35 -3.87
C PRO C 40 17.65 -3.74 -3.86
N PHE C 41 18.24 -4.69 -4.58
CA PHE C 41 17.60 -5.97 -4.78
C PHE C 41 17.80 -6.96 -3.66
N GLN C 42 19.02 -7.03 -3.15
CA GLN C 42 19.37 -7.99 -2.12
C GLN C 42 19.00 -9.41 -2.53
N PHE C 43 19.19 -9.67 -3.82
CA PHE C 43 19.00 -10.98 -4.39
C PHE C 43 20.40 -11.60 -4.55
N TYR C 44 20.58 -12.78 -3.95
CA TYR C 44 21.87 -13.48 -3.97
C TYR C 44 21.73 -14.93 -4.45
N LEU C 45 22.82 -15.46 -5.02
CA LEU C 45 22.95 -16.90 -5.26
C LEU C 45 23.67 -17.61 -4.11
N THR C 46 23.41 -18.90 -3.91
CA THR C 46 24.19 -19.66 -2.95
C THR C 46 25.59 -19.93 -3.51
N ARG C 47 26.56 -20.07 -2.61
CA ARG C 47 27.91 -20.52 -2.96
C ARG C 47 27.87 -21.90 -3.65
N VAL C 48 28.68 -22.06 -4.70
CA VAL C 48 28.79 -23.35 -5.36
C VAL C 48 30.21 -23.89 -5.21
N SER C 49 30.35 -25.08 -4.65
CA SER C 49 31.67 -25.68 -4.54
C SER C 49 32.11 -26.16 -5.91
N GLY C 50 33.36 -25.87 -6.26
CA GLY C 50 33.92 -26.43 -7.48
C GLY C 50 33.85 -25.52 -8.70
N VAL C 51 33.55 -24.24 -8.49
CA VAL C 51 33.72 -23.25 -9.56
C VAL C 51 34.77 -22.28 -9.05
N LYS C 52 35.28 -21.44 -9.95
CA LYS C 52 36.30 -20.44 -9.60
C LYS C 52 35.78 -19.44 -8.56
N PRO C 53 36.62 -19.09 -7.59
CA PRO C 53 36.21 -18.22 -6.47
C PRO C 53 35.55 -16.91 -6.92
N LYS C 54 35.89 -16.42 -8.10
CA LYS C 54 35.22 -15.23 -8.63
C LYS C 54 33.72 -15.39 -8.84
N TYR C 55 33.26 -16.61 -9.12
CA TYR C 55 31.84 -16.87 -9.31
C TYR C 55 31.11 -17.01 -7.98
N ASN C 56 31.88 -17.08 -6.91
CA ASN C 56 31.33 -17.14 -5.57
C ASN C 56 31.45 -15.82 -4.80
N SER C 57 32.07 -14.82 -5.42
CA SER C 57 32.37 -13.57 -4.71
C SER C 57 31.12 -12.92 -4.11
N GLY C 58 30.08 -12.72 -4.92
CA GLY C 58 28.84 -12.19 -4.38
C GLY C 58 27.84 -13.27 -3.94
N ALA C 59 28.31 -14.47 -3.60
CA ALA C 59 27.39 -15.56 -3.29
C ALA C 59 27.39 -15.82 -1.79
N LEU C 60 26.30 -16.41 -1.29
CA LEU C 60 26.18 -16.66 0.14
C LEU C 60 25.99 -18.13 0.46
N HIS C 61 26.69 -18.58 1.48
CA HIS C 61 26.42 -19.88 2.06
C HIS C 61 25.56 -19.64 3.29
N ILE C 62 24.78 -20.65 3.69
CA ILE C 62 23.96 -20.56 4.89
C ILE C 62 24.76 -20.16 6.14
N LYS C 63 25.98 -20.67 6.27
CA LYS C 63 26.87 -20.21 7.36
C LYS C 63 27.08 -18.70 7.32
N ASP C 64 27.16 -18.11 6.13
CA ASP C 64 27.28 -16.66 6.01
C ASP C 64 26.00 -15.96 6.52
N ILE C 65 24.84 -16.46 6.10
CA ILE C 65 23.56 -15.88 6.51
C ILE C 65 23.35 -15.92 8.02
N LEU C 66 23.87 -16.95 8.68
CA LEU C 66 23.61 -17.16 10.10
C LEU C 66 24.74 -16.57 10.94
N SER C 67 25.77 -16.06 10.29
CA SER C 67 26.95 -15.55 10.97
C SER C 67 26.66 -14.35 11.89
N PRO C 68 27.51 -14.17 12.91
CA PRO C 68 27.32 -13.08 13.89
C PRO C 68 27.42 -11.70 13.24
N LEU C 69 28.03 -11.62 12.06
CA LEU C 69 28.12 -10.35 11.34
C LEU C 69 26.74 -9.85 10.88
N PHE C 70 25.78 -10.77 10.77
CA PHE C 70 24.42 -10.42 10.31
C PHE C 70 23.54 -10.01 11.47
N GLY C 71 24.02 -10.25 12.68
CA GLY C 71 23.28 -9.90 13.88
C GLY C 71 23.56 -10.86 15.02
N THR C 72 23.12 -10.47 16.21
CA THR C 72 23.27 -11.29 17.43
C THR C 72 22.02 -12.07 17.70
N LEU C 73 22.07 -13.35 17.39
CA LEU C 73 20.90 -14.21 17.34
C LEU C 73 20.29 -14.55 18.69
N VAL C 74 18.97 -14.39 18.77
CA VAL C 74 18.22 -14.69 19.98
C VAL C 74 17.31 -15.90 19.75
N SER C 75 16.81 -16.04 18.53
CA SER C 75 15.85 -17.07 18.20
C SER C 75 15.68 -17.13 16.70
N SER C 76 15.21 -18.24 16.17
CA SER C 76 14.97 -18.29 14.73
C SER C 76 13.90 -19.29 14.37
N ALA C 77 13.25 -19.08 13.23
CA ALA C 77 12.27 -20.04 12.72
C ALA C 77 12.72 -20.48 11.33
N GLN C 78 12.69 -21.78 11.05
CA GLN C 78 13.13 -22.28 9.77
C GLN C 78 12.01 -23.03 9.10
N PHE C 79 11.47 -22.43 8.03
CA PHE C 79 10.37 -23.01 7.25
C PHE C 79 11.03 -23.74 6.10
N ASN C 80 10.65 -24.98 5.88
CA ASN C 80 11.19 -25.73 4.77
C ASN C 80 10.39 -26.98 4.49
N TYR C 81 10.86 -27.74 3.52
CA TYR C 81 10.23 -28.97 3.09
C TYR C 81 11.08 -30.12 3.62
N CYS C 82 12.37 -30.14 3.27
CA CYS C 82 13.28 -31.17 3.76
C CYS C 82 14.29 -30.59 4.75
N PHE C 83 14.57 -31.37 5.79
CA PHE C 83 15.52 -30.99 6.84
C PHE C 83 16.49 -32.12 7.14
N ASP C 84 17.76 -31.75 7.30
CA ASP C 84 18.74 -32.58 7.96
C ASP C 84 19.12 -31.87 9.25
N VAL C 85 18.46 -32.22 10.35
CA VAL C 85 18.61 -31.48 11.59
C VAL C 85 20.05 -31.41 12.06
N ASP C 86 20.80 -32.50 11.95
CA ASP C 86 22.21 -32.50 12.43
C ASP C 86 23.04 -31.53 11.62
N TRP C 87 22.87 -31.58 10.30
CA TRP C 87 23.55 -30.64 9.42
C TRP C 87 23.12 -29.20 9.72
N LEU C 88 21.81 -28.99 9.84
CA LEU C 88 21.29 -27.64 10.07
C LEU C 88 21.91 -26.99 11.31
N VAL C 89 21.93 -27.72 12.42
CA VAL C 89 22.42 -27.17 13.67
C VAL C 89 23.87 -26.70 13.53
N LYS C 90 24.64 -27.46 12.76
CA LYS C 90 26.07 -27.16 12.52
C LYS C 90 26.30 -25.93 11.64
N GLN C 91 25.27 -25.50 10.91
CA GLN C 91 25.41 -24.32 10.07
C GLN C 91 25.33 -23.04 10.90
N TYR C 92 24.71 -23.12 12.08
CA TYR C 92 24.73 -21.99 13.00
C TYR C 92 26.13 -21.85 13.57
N PRO C 93 26.57 -20.62 13.88
CA PRO C 93 27.84 -20.45 14.57
C PRO C 93 27.75 -21.04 15.98
N PRO C 94 28.86 -21.59 16.48
CA PRO C 94 28.89 -22.29 17.77
C PRO C 94 28.20 -21.50 18.88
N GLU C 95 28.46 -20.20 18.92
CA GLU C 95 27.87 -19.36 19.96
C GLU C 95 26.35 -19.22 19.89
N PHE C 96 25.73 -19.62 18.76
CA PHE C 96 24.28 -19.53 18.62
C PHE C 96 23.54 -20.88 18.59
N ARG C 97 24.26 -22.00 18.66
CA ARG C 97 23.64 -23.32 18.46
C ARG C 97 22.63 -23.69 19.53
N LYS C 98 22.64 -22.99 20.65
CA LYS C 98 21.74 -23.30 21.76
C LYS C 98 20.53 -22.37 21.83
N LYS C 99 20.52 -21.34 20.98
CA LYS C 99 19.36 -20.47 20.86
C LYS C 99 18.18 -21.25 20.29
N PRO C 100 16.98 -20.90 20.73
CA PRO C 100 15.77 -21.60 20.29
C PRO C 100 15.65 -21.59 18.77
N ILE C 101 15.29 -22.74 18.20
CA ILE C 101 15.01 -22.87 16.78
C ILE C 101 13.65 -23.54 16.62
N LEU C 102 12.80 -23.00 15.76
CA LEU C 102 11.54 -23.65 15.39
C LEU C 102 11.56 -24.19 13.94
N LEU C 103 11.26 -25.48 13.77
CA LEU C 103 11.19 -26.08 12.45
C LEU C 103 9.76 -26.15 11.98
N VAL C 104 9.48 -25.50 10.86
CA VAL C 104 8.14 -25.50 10.32
C VAL C 104 8.17 -26.38 9.08
N HIS C 105 7.48 -27.52 9.15
CA HIS C 105 7.57 -28.58 8.17
C HIS C 105 6.16 -29.08 7.92
N GLY C 106 6.02 -29.99 6.96
CA GLY C 106 4.71 -30.55 6.63
C GLY C 106 4.62 -32.07 6.73
N ASP C 107 5.57 -32.68 7.42
CA ASP C 107 5.68 -34.14 7.48
C ASP C 107 4.58 -34.79 8.31
N LYS C 108 4.15 -35.97 7.87
CA LYS C 108 3.15 -36.75 8.57
C LYS C 108 3.62 -38.19 8.86
N ARG C 109 2.91 -38.87 9.75
CA ARG C 109 3.14 -40.28 10.04
C ARG C 109 4.60 -40.60 10.40
N GLU C 110 5.22 -41.53 9.69
CA GLU C 110 6.57 -41.96 10.04
C GLU C 110 7.63 -40.89 9.77
N ALA C 111 7.45 -40.15 8.69
CA ALA C 111 8.36 -39.04 8.34
C ALA C 111 8.33 -37.98 9.44
N LYS C 112 7.13 -37.66 9.94
CA LYS C 112 7.02 -36.82 11.13
C LYS C 112 7.80 -37.42 12.33
N ALA C 113 7.57 -38.70 12.61
CA ALA C 113 8.31 -39.35 13.70
C ALA C 113 9.82 -39.25 13.47
N HIS C 114 10.24 -39.45 12.23
CA HIS C 114 11.67 -39.43 11.90
C HIS C 114 12.28 -38.07 12.23
N LEU C 115 11.61 -37.00 11.80
CA LEU C 115 12.08 -35.65 12.04
C LEU C 115 12.13 -35.34 13.54
N HIS C 116 11.11 -35.80 14.26
CA HIS C 116 11.05 -35.60 15.72
C HIS C 116 12.22 -36.33 16.36
N ALA C 117 12.53 -37.51 15.83
CA ALA C 117 13.68 -38.30 16.29
C ALA C 117 15.01 -37.60 15.98
N GLN C 118 15.12 -37.01 14.79
CA GLN C 118 16.27 -36.18 14.44
C GLN C 118 16.43 -35.02 15.44
N ALA C 119 15.32 -34.43 15.84
CA ALA C 119 15.34 -33.19 16.62
C ALA C 119 15.54 -33.37 18.13
N LYS C 120 14.99 -34.44 18.70
CA LYS C 120 15.04 -34.71 20.16
C LYS C 120 16.39 -34.49 20.90
N PRO C 121 17.52 -34.88 20.30
CA PRO C 121 18.83 -34.64 20.91
C PRO C 121 19.09 -33.16 21.21
N TYR C 122 18.40 -32.29 20.49
CA TYR C 122 18.63 -30.86 20.59
C TYR C 122 17.47 -30.22 21.37
N GLU C 123 17.74 -29.90 22.64
CA GLU C 123 16.71 -29.38 23.55
C GLU C 123 16.10 -28.06 23.07
N ASN C 124 16.92 -27.23 22.44
CA ASN C 124 16.50 -25.92 21.95
C ASN C 124 15.62 -25.91 20.69
N ILE C 125 15.28 -27.08 20.16
CA ILE C 125 14.50 -27.14 18.92
C ILE C 125 13.05 -27.55 19.15
N SER C 126 12.12 -26.75 18.65
CA SER C 126 10.71 -27.17 18.59
C SER C 126 10.29 -27.33 17.15
N LEU C 127 9.17 -28.02 16.95
CA LEU C 127 8.63 -28.29 15.63
C LEU C 127 7.21 -27.78 15.53
N CYS C 128 6.81 -27.37 14.33
CA CYS C 128 5.45 -26.96 14.04
C CYS C 128 4.99 -27.65 12.78
N GLN C 129 3.99 -28.50 12.89
CA GLN C 129 3.51 -29.23 11.73
C GLN C 129 2.41 -28.44 11.06
N ALA C 130 2.69 -27.97 9.84
CA ALA C 130 1.75 -27.22 9.03
C ALA C 130 0.67 -28.14 8.55
N LYS C 131 -0.59 -27.78 8.84
CA LYS C 131 -1.69 -28.61 8.43
C LYS C 131 -1.70 -28.69 6.92
N LEU C 132 -1.71 -29.92 6.41
CA LEU C 132 -1.88 -30.15 5.00
C LEU C 132 -3.18 -30.94 4.81
N ASP C 133 -4.29 -30.22 4.73
CA ASP C 133 -5.60 -30.86 4.67
C ASP C 133 -5.94 -31.39 3.27
N ILE C 134 -5.28 -30.85 2.25
CA ILE C 134 -5.55 -31.27 0.88
C ILE C 134 -4.48 -32.26 0.39
N ALA C 135 -4.91 -33.32 -0.27
CA ALA C 135 -4.01 -34.39 -0.71
C ALA C 135 -2.97 -33.89 -1.69
N PHE C 136 -1.77 -34.47 -1.61
CA PHE C 136 -0.67 -34.16 -2.51
C PHE C 136 -0.13 -32.74 -2.34
N GLY C 137 -0.43 -32.13 -1.20
CA GLY C 137 0.13 -30.85 -0.85
C GLY C 137 1.44 -31.03 -0.08
N THR C 138 2.32 -30.03 -0.16
CA THR C 138 3.54 -30.04 0.63
C THR C 138 3.70 -28.70 1.31
N HIS C 139 4.43 -28.70 2.42
CA HIS C 139 4.90 -27.45 2.98
C HIS C 139 6.21 -27.08 2.28
N HIS C 140 6.11 -26.35 1.17
CA HIS C 140 7.27 -26.15 0.29
C HIS C 140 8.04 -24.84 0.51
N THR C 141 7.42 -23.88 1.19
CA THR C 141 8.03 -22.61 1.55
C THR C 141 9.43 -22.72 2.19
N LYS C 142 10.38 -21.91 1.70
CA LYS C 142 11.69 -21.81 2.31
C LYS C 142 11.90 -20.40 2.82
N MET C 143 11.90 -20.26 4.13
CA MET C 143 12.01 -18.96 4.74
C MET C 143 12.72 -19.09 6.10
N MET C 144 13.53 -18.10 6.43
CA MET C 144 14.11 -17.97 7.77
C MET C 144 13.60 -16.68 8.41
N LEU C 145 13.15 -16.79 9.67
CA LEU C 145 12.88 -15.63 10.51
C LEU C 145 14.01 -15.60 11.55
N LEU C 146 14.81 -14.54 11.54
CA LEU C 146 15.97 -14.43 12.42
C LEU C 146 15.78 -13.26 13.39
N LEU C 147 15.53 -13.54 14.66
CA LEU C 147 15.35 -12.48 15.64
C LEU C 147 16.66 -12.21 16.37
N TYR C 148 17.15 -10.98 16.28
CA TYR C 148 18.41 -10.62 16.91
C TYR C 148 18.19 -9.63 18.04
N GLU C 149 19.25 -9.39 18.79
CA GLU C 149 19.24 -8.35 19.82
C GLU C 149 19.01 -6.99 19.14
N GLU C 150 19.47 -6.87 17.91
CA GLU C 150 19.49 -5.60 17.20
C GLU C 150 18.26 -5.33 16.30
N GLY C 151 17.46 -6.37 16.10
CA GLY C 151 16.27 -6.26 15.28
C GLY C 151 15.89 -7.62 14.73
N LEU C 152 15.31 -7.63 13.52
CA LEU C 152 14.76 -8.84 12.90
C LEU C 152 15.12 -8.95 11.42
N ARG C 153 15.35 -10.17 10.94
CA ARG C 153 15.65 -10.38 9.54
C ARG C 153 14.77 -11.47 8.96
N VAL C 154 14.32 -11.28 7.73
CA VAL C 154 13.52 -12.28 7.03
C VAL C 154 14.29 -12.73 5.81
N VAL C 155 14.41 -14.03 5.64
CA VAL C 155 15.16 -14.55 4.51
C VAL C 155 14.22 -15.45 3.74
N ILE C 156 14.00 -15.15 2.47
CA ILE C 156 13.17 -16.01 1.64
C ILE C 156 14.01 -16.58 0.51
N HIS C 157 13.99 -17.90 0.38
CA HIS C 157 14.93 -18.56 -0.52
C HIS C 157 14.39 -19.85 -1.12
N THR C 158 15.28 -20.62 -1.74
CA THR C 158 14.82 -21.77 -2.53
C THR C 158 15.40 -23.10 -2.08
N SER C 159 16.28 -23.09 -1.06
CA SER C 159 17.04 -24.30 -0.74
C SER C 159 16.44 -25.12 0.40
N ASN C 160 16.46 -26.43 0.27
CA ASN C 160 16.15 -27.29 1.41
C ASN C 160 17.25 -27.19 2.43
N LEU C 161 16.95 -27.57 3.68
CA LEU C 161 17.99 -27.52 4.70
C LEU C 161 18.72 -28.86 4.79
N ILE C 162 19.48 -29.17 3.74
CA ILE C 162 20.26 -30.39 3.63
C ILE C 162 21.52 -30.02 2.86
N HIS C 163 22.60 -30.79 3.07
CA HIS C 163 23.91 -30.37 2.59
C HIS C 163 23.91 -30.20 1.08
N ALA C 164 23.29 -31.15 0.39
CA ALA C 164 23.36 -31.16 -1.06
C ALA C 164 22.69 -29.94 -1.71
N ASP C 165 21.74 -29.33 -1.03
CA ASP C 165 21.06 -28.19 -1.65
C ASP C 165 21.90 -26.95 -1.66
N TRP C 166 22.95 -26.94 -0.86
CA TRP C 166 23.81 -25.78 -0.70
C TRP C 166 25.23 -26.05 -1.21
N HIS C 167 25.40 -27.15 -1.93
CA HIS C 167 26.73 -27.59 -2.33
C HIS C 167 27.05 -27.18 -3.77
N GLN C 168 26.41 -27.83 -4.74
CA GLN C 168 26.69 -27.54 -6.15
C GLN C 168 25.44 -27.24 -6.99
N LYS C 169 24.45 -26.58 -6.38
CA LYS C 169 23.19 -26.21 -7.05
C LYS C 169 23.11 -24.72 -7.24
N THR C 170 22.39 -24.30 -8.29
CA THR C 170 22.02 -22.90 -8.39
C THR C 170 20.76 -22.68 -7.56
N GLN C 171 20.89 -21.89 -6.50
CA GLN C 171 19.76 -21.56 -5.63
C GLN C 171 19.68 -20.06 -5.47
N GLY C 172 18.50 -19.54 -5.13
CA GLY C 172 18.34 -18.11 -4.91
C GLY C 172 17.99 -17.70 -3.49
N ILE C 173 18.42 -16.50 -3.13
CA ILE C 173 18.18 -15.96 -1.78
C ILE C 173 17.78 -14.49 -1.87
N TRP C 174 16.71 -14.11 -1.16
CA TRP C 174 16.42 -12.70 -0.89
C TRP C 174 16.64 -12.41 0.58
N LEU C 175 17.43 -11.40 0.89
CA LEU C 175 17.65 -11.01 2.29
C LEU C 175 16.96 -9.70 2.58
N SER C 176 16.02 -9.69 3.53
CA SER C 176 15.46 -8.43 3.98
C SER C 176 16.55 -7.58 4.63
N PRO C 177 16.28 -6.30 4.79
CA PRO C 177 17.17 -5.44 5.59
C PRO C 177 17.02 -5.81 7.07
N LEU C 178 17.96 -5.37 7.90
CA LEU C 178 17.78 -5.47 9.34
C LEU C 178 16.63 -4.54 9.74
N TYR C 179 15.53 -5.12 10.17
CA TYR C 179 14.36 -4.37 10.60
C TYR C 179 14.52 -4.02 12.08
N PRO C 180 14.56 -2.73 12.42
CA PRO C 180 14.67 -2.32 13.83
C PRO C 180 13.38 -2.57 14.61
N ARG C 181 13.50 -2.67 15.93
CA ARG C 181 12.32 -2.76 16.80
C ARG C 181 11.63 -1.40 16.89
N ILE C 182 10.31 -1.39 16.97
CA ILE C 182 9.59 -0.12 17.06
C ILE C 182 9.69 0.49 18.47
N ALA C 183 10.17 1.72 18.56
CA ALA C 183 10.33 2.41 19.84
C ALA C 183 9.12 2.18 20.74
N ASP C 184 9.38 1.62 21.93
CA ASP C 184 8.32 1.27 22.88
C ASP C 184 7.47 2.48 23.30
N GLY C 185 7.84 3.67 22.84
CA GLY C 185 7.07 4.87 23.12
C GLY C 185 6.31 5.44 21.93
N THR C 186 6.37 4.77 20.79
CA THR C 186 5.84 5.36 19.56
C THR C 186 4.70 4.59 18.90
N HIS C 187 3.82 5.35 18.22
CA HIS C 187 2.68 4.77 17.52
C HIS C 187 2.96 4.76 16.04
N LYS C 188 3.38 3.60 15.53
CA LYS C 188 3.57 3.49 14.09
C LYS C 188 3.32 2.06 13.63
N SER C 189 2.98 1.94 12.35
CA SER C 189 2.57 0.66 11.81
C SER C 189 3.78 -0.20 11.44
N GLY C 190 4.91 0.45 11.15
CA GLY C 190 6.07 -0.24 10.61
C GLY C 190 5.82 -0.89 9.26
N GLU C 191 4.85 -0.39 8.49
CA GLU C 191 4.45 -1.04 7.24
C GLU C 191 5.18 -0.46 6.03
N SER C 192 5.33 -1.22 4.96
CA SER C 192 5.97 -0.72 3.73
C SER C 192 4.94 -0.37 2.67
N PRO C 193 5.32 0.46 1.70
CA PRO C 193 4.46 0.74 0.55
C PRO C 193 4.00 -0.53 -0.15
N THR C 194 4.78 -1.60 -0.06
CA THR C 194 4.39 -2.87 -0.70
C THR C 194 3.51 -3.76 0.20
N HIS C 195 3.25 -3.30 1.42
CA HIS C 195 2.38 -4.04 2.35
C HIS C 195 2.95 -5.36 2.84
N PHE C 196 4.27 -5.49 2.76
CA PHE C 196 4.95 -6.73 3.08
C PHE C 196 4.60 -7.23 4.49
N LYS C 197 4.61 -6.32 5.46
CA LYS C 197 4.46 -6.68 6.87
C LYS C 197 3.07 -7.28 7.10
N ALA C 198 2.03 -6.56 6.69
CA ALA C 198 0.67 -7.13 6.73
C ALA C 198 0.57 -8.42 5.93
N ASN C 199 1.15 -8.43 4.73
CA ASN C 199 1.14 -9.64 3.90
C ASN C 199 1.83 -10.85 4.55
N LEU C 200 2.97 -10.62 5.20
CA LEU C 200 3.71 -11.67 5.89
C LEU C 200 2.89 -12.23 7.04
N ILE C 201 2.29 -11.34 7.82
CA ILE C 201 1.41 -11.73 8.92
C ILE C 201 0.23 -12.56 8.46
N SER C 202 -0.42 -12.14 7.37
CA SER C 202 -1.52 -12.93 6.80
C SER C 202 -1.02 -14.31 6.41
N TYR C 203 0.19 -14.39 5.85
CA TYR C 203 0.74 -15.68 5.43
C TYR C 203 0.90 -16.57 6.67
N LEU C 204 1.51 -16.05 7.71
CA LEU C 204 1.70 -16.83 8.93
C LEU C 204 0.37 -17.19 9.59
N THR C 205 -0.61 -16.30 9.47
CA THR C 205 -1.91 -16.48 10.10
C THR C 205 -2.68 -17.65 9.50
N ALA C 206 -2.52 -17.86 8.19
CA ALA C 206 -3.24 -18.93 7.51
C ALA C 206 -2.86 -20.33 8.05
N TYR C 207 -1.72 -20.44 8.73
CA TYR C 207 -1.30 -21.75 9.27
C TYR C 207 -2.16 -22.13 10.47
N ASN C 208 -2.75 -21.13 11.11
CA ASN C 208 -3.48 -21.33 12.35
C ASN C 208 -2.68 -22.11 13.39
N ALA C 209 -1.42 -21.73 13.62
CA ALA C 209 -0.52 -22.49 14.49
C ALA C 209 -0.03 -21.69 15.67
N PRO C 210 -0.20 -22.26 16.86
CA PRO C 210 0.21 -21.60 18.10
C PRO C 210 1.63 -21.06 18.07
N SER C 211 2.61 -21.86 17.64
CA SER C 211 4.00 -21.39 17.68
C SER C 211 4.27 -20.24 16.70
N LEU C 212 3.47 -20.12 15.65
CA LEU C 212 3.68 -19.05 14.69
C LEU C 212 3.09 -17.74 15.22
N LYS C 213 2.09 -17.84 16.11
CA LYS C 213 1.45 -16.65 16.64
C LYS C 213 2.49 -15.78 17.32
N GLU C 214 3.41 -16.41 18.03
CA GLU C 214 4.51 -15.71 18.69
C GLU C 214 5.43 -15.03 17.68
N TRP C 215 5.58 -15.63 16.50
CA TRP C 215 6.39 -15.00 15.47
C TRP C 215 5.63 -13.84 14.85
N ILE C 216 4.32 -13.99 14.74
CA ILE C 216 3.45 -12.91 14.27
C ILE C 216 3.59 -11.70 15.21
N ASP C 217 3.64 -11.98 16.51
CA ASP C 217 3.76 -10.93 17.52
C ASP C 217 5.12 -10.24 17.47
N VAL C 218 6.16 -11.02 17.23
CA VAL C 218 7.50 -10.48 17.02
C VAL C 218 7.51 -9.51 15.83
N ILE C 219 6.83 -9.89 14.75
CA ILE C 219 6.82 -9.09 13.54
C ILE C 219 6.03 -7.79 13.75
N HIS C 220 4.93 -7.88 14.48
CA HIS C 220 4.16 -6.69 14.81
C HIS C 220 5.04 -5.63 15.44
N LYS C 221 6.02 -6.07 16.21
CA LYS C 221 6.84 -5.15 16.99
C LYS C 221 8.01 -4.54 16.21
N HIS C 222 8.16 -4.93 14.96
CA HIS C 222 9.27 -4.44 14.19
C HIS C 222 8.85 -3.54 13.03
N ASP C 223 9.80 -2.71 12.60
CA ASP C 223 9.58 -1.74 11.53
C ASP C 223 10.02 -2.30 10.17
N LEU C 224 9.07 -2.78 9.37
CA LEU C 224 9.43 -3.37 8.09
C LEU C 224 9.23 -2.39 6.93
N SER C 225 9.19 -1.10 7.23
CA SER C 225 8.83 -0.08 6.22
C SER C 225 9.84 0.08 5.07
N GLU C 226 11.10 -0.31 5.28
CA GLU C 226 12.09 -0.20 4.21
C GLU C 226 11.99 -1.31 3.14
N THR C 227 11.10 -2.28 3.34
CA THR C 227 10.91 -3.37 2.37
C THR C 227 10.42 -2.89 1.00
N ASN C 228 11.09 -3.31 -0.06
CA ASN C 228 10.72 -2.86 -1.41
C ASN C 228 10.25 -3.97 -2.33
N VAL C 229 9.98 -5.15 -1.75
CA VAL C 229 9.50 -6.26 -2.55
C VAL C 229 8.07 -6.59 -2.15
N TYR C 230 7.33 -7.22 -3.05
CA TYR C 230 6.00 -7.74 -2.73
C TYR C 230 6.03 -9.24 -2.38
N LEU C 231 5.29 -9.64 -1.36
CA LEU C 231 5.22 -11.04 -0.98
C LEU C 231 4.14 -11.78 -1.77
N ILE C 232 4.51 -12.92 -2.36
CA ILE C 232 3.56 -13.76 -3.09
C ILE C 232 3.52 -15.16 -2.47
N GLY C 233 2.44 -15.47 -1.76
CA GLY C 233 2.35 -16.72 -1.05
C GLY C 233 1.33 -17.65 -1.65
N SER C 234 1.45 -18.93 -1.33
CA SER C 234 0.42 -19.90 -1.65
C SER C 234 0.13 -20.54 -0.33
N THR C 235 -1.11 -20.97 -0.16
CA THR C 235 -1.52 -21.62 1.07
C THR C 235 -2.62 -22.61 0.68
N PRO C 236 -2.68 -23.76 1.36
CA PRO C 236 -3.63 -24.82 0.95
C PRO C 236 -5.06 -24.37 1.19
N GLY C 237 -5.94 -24.60 0.23
CA GLY C 237 -7.34 -24.29 0.43
C GLY C 237 -8.07 -24.16 -0.88
N ARG C 238 -9.36 -23.82 -0.76
CA ARG C 238 -10.21 -23.58 -1.91
C ARG C 238 -10.79 -22.19 -1.69
N PHE C 239 -10.44 -21.26 -2.56
CA PHE C 239 -10.69 -19.85 -2.29
C PHE C 239 -11.75 -19.24 -3.22
N GLN C 240 -12.78 -18.65 -2.63
CA GLN C 240 -13.87 -18.05 -3.39
C GLN C 240 -13.93 -16.54 -3.25
N GLY C 241 -14.64 -15.90 -4.17
CA GLY C 241 -14.88 -14.48 -4.08
C GLY C 241 -13.60 -13.66 -4.08
N SER C 242 -13.51 -12.72 -3.16
CA SER C 242 -12.37 -11.80 -3.12
C SER C 242 -11.10 -12.51 -2.67
N GLN C 243 -11.26 -13.70 -2.10
CA GLN C 243 -10.13 -14.43 -1.53
C GLN C 243 -9.25 -15.13 -2.57
N LYS C 244 -9.71 -15.16 -3.81
CA LYS C 244 -8.91 -15.61 -4.95
C LYS C 244 -7.61 -14.83 -5.06
N ASP C 245 -7.70 -13.50 -4.92
CA ASP C 245 -6.57 -12.60 -5.12
C ASP C 245 -5.52 -12.73 -4.04
N ASN C 246 -5.83 -13.50 -2.99
CA ASN C 246 -4.95 -13.57 -1.84
C ASN C 246 -3.72 -14.45 -2.08
N TRP C 247 -3.87 -15.47 -2.93
CA TRP C 247 -2.89 -16.56 -3.05
C TRP C 247 -2.60 -17.01 -4.48
N GLY C 248 -1.42 -17.56 -4.69
CA GLY C 248 -1.12 -18.24 -5.93
C GLY C 248 -1.00 -17.31 -7.14
N HIS C 249 -1.29 -17.83 -8.32
CA HIS C 249 -1.16 -17.00 -9.50
C HIS C 249 -2.17 -15.85 -9.56
N PHE C 250 -3.30 -15.98 -8.87
CA PHE C 250 -4.25 -14.87 -8.82
C PHE C 250 -3.67 -13.73 -7.99
N ARG C 251 -2.89 -14.06 -6.96
CA ARG C 251 -2.23 -13.01 -6.21
C ARG C 251 -1.28 -12.26 -7.15
N LEU C 252 -0.54 -13.01 -7.98
CA LEU C 252 0.43 -12.41 -8.87
C LEU C 252 -0.28 -11.47 -9.85
N LYS C 253 -1.40 -11.98 -10.40
CA LYS C 253 -2.20 -11.24 -11.38
C LYS C 253 -2.65 -9.91 -10.79
N LYS C 254 -3.14 -9.98 -9.57
CA LYS C 254 -3.57 -8.81 -8.84
C LYS C 254 -2.45 -7.79 -8.66
N LEU C 255 -1.24 -8.23 -8.29
CA LEU C 255 -0.14 -7.29 -8.10
C LEU C 255 0.29 -6.69 -9.43
N LEU C 256 0.32 -7.52 -10.48
CA LEU C 256 0.68 -7.04 -11.83
C LEU C 256 -0.36 -6.05 -12.40
N LYS C 257 -1.63 -6.27 -12.07
CA LYS C 257 -2.70 -5.36 -12.46
C LYS C 257 -2.55 -4.01 -11.76
N ASP C 258 -2.31 -4.05 -10.45
CA ASP C 258 -2.29 -2.84 -9.63
C ASP C 258 -0.98 -2.05 -9.65
N HIS C 259 0.16 -2.72 -9.83
CA HIS C 259 1.45 -2.04 -9.65
C HIS C 259 2.41 -2.17 -10.82
N ALA C 260 1.91 -2.66 -11.94
CA ALA C 260 2.67 -2.60 -13.16
C ALA C 260 1.86 -1.82 -14.19
N SER C 261 2.49 -1.37 -15.26
CA SER C 261 1.74 -0.71 -16.34
C SER C 261 2.06 -1.38 -17.66
N SER C 262 1.20 -1.18 -18.66
CA SER C 262 1.42 -1.77 -19.96
C SER C 262 2.39 -0.94 -20.78
N MET C 263 2.71 -1.41 -21.99
CA MET C 263 3.65 -0.72 -22.88
C MET C 263 3.31 -0.90 -24.37
N SER C 268 3.89 -8.90 -27.01
CA SER C 268 5.21 -9.18 -27.59
C SER C 268 6.36 -9.24 -26.56
N TRP C 269 6.06 -8.92 -25.29
CA TRP C 269 7.02 -9.19 -24.22
C TRP C 269 6.79 -10.63 -23.76
N PRO C 270 7.82 -11.45 -23.90
CA PRO C 270 7.71 -12.87 -23.56
C PRO C 270 7.55 -13.04 -22.04
N VAL C 271 7.16 -14.24 -21.65
CA VAL C 271 7.10 -14.63 -20.25
C VAL C 271 8.14 -15.75 -20.12
N VAL C 272 8.94 -15.71 -19.05
CA VAL C 272 9.90 -16.77 -18.79
C VAL C 272 9.58 -17.45 -17.47
N GLY C 273 9.57 -18.77 -17.47
CA GLY C 273 9.31 -19.56 -16.28
C GLY C 273 10.41 -20.59 -16.13
N GLN C 274 10.93 -20.72 -14.90
CA GLN C 274 12.13 -21.50 -14.65
C GLN C 274 11.97 -22.22 -13.30
N PHE C 275 12.12 -23.55 -13.30
CA PHE C 275 11.66 -24.36 -12.15
C PHE C 275 12.40 -25.70 -12.15
N SER C 276 12.17 -26.48 -11.11
CA SER C 276 12.90 -27.72 -10.94
C SER C 276 11.96 -28.91 -10.75
N SER C 277 10.67 -28.64 -10.72
CA SER C 277 9.68 -29.71 -10.66
C SER C 277 8.47 -29.35 -11.51
N VAL C 278 7.76 -30.36 -12.01
CA VAL C 278 6.73 -30.16 -13.03
C VAL C 278 5.51 -30.99 -12.68
N GLY C 279 4.38 -30.33 -12.45
CA GLY C 279 3.18 -31.06 -12.09
C GLY C 279 2.46 -31.59 -13.33
N SER C 280 1.34 -32.27 -13.10
CA SER C 280 0.47 -32.72 -14.18
C SER C 280 -0.34 -31.52 -14.70
N LEU C 281 -0.02 -31.04 -15.89
CA LEU C 281 -0.64 -29.79 -16.36
C LEU C 281 -1.91 -29.96 -17.23
N GLY C 282 -2.29 -31.19 -17.54
CA GLY C 282 -3.46 -31.45 -18.35
C GLY C 282 -3.17 -31.95 -19.75
N ALA C 283 -4.21 -32.47 -20.41
CA ALA C 283 -4.09 -33.13 -21.71
C ALA C 283 -3.55 -32.24 -22.82
N ASP C 284 -3.66 -30.92 -22.64
CA ASP C 284 -3.06 -29.96 -23.58
C ASP C 284 -2.86 -28.58 -22.96
N GLU C 285 -2.23 -27.68 -23.72
CA GLU C 285 -1.86 -26.36 -23.23
C GLU C 285 -3.03 -25.47 -22.80
N SER C 286 -4.22 -25.78 -23.29
CA SER C 286 -5.41 -24.96 -23.02
C SER C 286 -6.06 -25.27 -21.68
N LYS C 287 -5.75 -26.42 -21.11
CA LYS C 287 -6.38 -26.82 -19.86
C LYS C 287 -6.01 -25.91 -18.68
N TRP C 288 -4.78 -25.38 -18.69
CA TRP C 288 -4.27 -24.64 -17.53
C TRP C 288 -3.05 -23.76 -17.85
N LEU C 289 -2.05 -24.32 -18.53
CA LEU C 289 -0.83 -23.56 -18.79
C LEU C 289 -1.08 -22.22 -19.50
N CYS C 290 -1.67 -22.28 -20.68
CA CYS C 290 -1.93 -21.06 -21.44
C CYS C 290 -3.22 -20.38 -21.02
N SER C 291 -4.19 -21.14 -20.50
CA SER C 291 -5.44 -20.52 -20.06
C SER C 291 -5.21 -19.67 -18.81
N GLU C 292 -5.39 -20.23 -17.62
CA GLU C 292 -5.24 -19.42 -16.42
C GLU C 292 -3.80 -19.02 -16.05
N PHE C 293 -2.84 -19.92 -16.21
CA PHE C 293 -1.48 -19.63 -15.76
C PHE C 293 -0.78 -18.50 -16.51
N LYS C 294 -0.68 -18.64 -17.83
CA LYS C 294 -0.08 -17.58 -18.64
C LYS C 294 -0.86 -16.27 -18.57
N GLU C 295 -2.17 -16.35 -18.37
CA GLU C 295 -3.00 -15.16 -18.33
C GLU C 295 -2.63 -14.31 -17.13
N SER C 296 -2.45 -14.95 -15.98
CA SER C 296 -1.99 -14.22 -14.81
C SER C 296 -0.63 -13.60 -15.10
N MET C 297 0.25 -14.37 -15.73
CA MET C 297 1.64 -13.95 -15.95
C MET C 297 1.82 -12.84 -16.97
N LEU C 298 0.93 -12.77 -17.96
CA LEU C 298 1.02 -11.70 -18.97
C LEU C 298 0.26 -10.43 -18.60
N THR C 299 -0.38 -10.43 -17.44
CA THR C 299 -1.08 -9.24 -16.95
C THR C 299 -0.10 -8.10 -16.69
N LEU C 300 -0.47 -6.90 -17.14
CA LEU C 300 0.24 -5.66 -16.83
C LEU C 300 -0.79 -4.53 -16.76
N GLY C 301 -0.82 -3.79 -15.64
CA GLY C 301 -1.70 -2.65 -15.53
C GLY C 301 -3.20 -2.91 -15.71
N VAL C 312 2.00 -14.11 -27.37
CA VAL C 312 2.96 -13.97 -26.26
C VAL C 312 3.73 -15.26 -26.11
N PRO C 313 5.03 -15.20 -26.44
CA PRO C 313 5.92 -16.36 -26.33
C PRO C 313 6.13 -16.79 -24.89
N LEU C 314 5.98 -18.08 -24.62
CA LEU C 314 6.26 -18.63 -23.32
C LEU C 314 7.54 -19.44 -23.40
N TYR C 315 8.53 -19.08 -22.58
CA TYR C 315 9.76 -19.86 -22.47
C TYR C 315 9.81 -20.56 -21.12
N LEU C 316 9.91 -21.89 -21.14
CA LEU C 316 10.07 -22.65 -19.89
C LEU C 316 11.48 -23.21 -19.79
N ILE C 317 12.17 -22.91 -18.69
CA ILE C 317 13.53 -23.40 -18.54
C ILE C 317 13.58 -24.57 -17.57
N TYR C 318 14.00 -25.74 -18.08
CA TYR C 318 14.03 -26.96 -17.33
C TYR C 318 15.17 -27.82 -17.87
N PRO C 319 16.04 -28.29 -16.99
CA PRO C 319 17.22 -29.09 -17.39
C PRO C 319 16.91 -30.29 -18.28
N SER C 320 17.72 -30.44 -19.33
CA SER C 320 17.66 -31.62 -20.18
C SER C 320 18.51 -32.71 -19.54
N VAL C 321 18.42 -33.92 -20.08
CA VAL C 321 19.24 -35.03 -19.62
C VAL C 321 20.72 -34.69 -19.77
N GLU C 322 21.11 -34.16 -20.93
CA GLU C 322 22.48 -33.69 -21.13
C GLU C 322 22.93 -32.66 -20.07
N ASN C 323 22.06 -31.69 -19.76
CA ASN C 323 22.39 -30.67 -18.74
C ASN C 323 22.76 -31.40 -17.44
N VAL C 324 21.94 -32.37 -17.05
CA VAL C 324 22.17 -33.09 -15.80
C VAL C 324 23.37 -34.00 -15.85
N ARG C 325 23.47 -34.78 -16.94
CA ARG C 325 24.58 -35.71 -17.14
C ARG C 325 25.96 -35.06 -16.93
N THR C 326 26.13 -33.84 -17.44
CA THR C 326 27.47 -33.23 -17.43
C THR C 326 27.61 -32.19 -16.35
N SER C 327 26.65 -32.17 -15.42
CA SER C 327 26.68 -31.22 -14.32
C SER C 327 27.82 -31.53 -13.35
N LEU C 328 28.04 -30.63 -12.40
CA LEU C 328 29.01 -30.89 -11.32
C LEU C 328 28.66 -32.13 -10.48
N GLU C 329 27.38 -32.37 -10.26
CA GLU C 329 26.94 -33.55 -9.50
C GLU C 329 26.80 -34.81 -10.35
N GLY C 330 26.55 -34.63 -11.64
CA GLY C 330 26.20 -35.72 -12.52
C GLY C 330 24.75 -36.10 -12.31
N TYR C 331 24.43 -37.35 -12.62
CA TYR C 331 23.04 -37.82 -12.57
C TYR C 331 22.31 -37.57 -11.24
N PRO C 332 22.98 -37.73 -10.09
CA PRO C 332 22.35 -37.48 -8.78
C PRO C 332 21.79 -36.06 -8.61
N ALA C 333 22.21 -35.12 -9.45
CA ALA C 333 21.52 -33.84 -9.50
C ALA C 333 20.04 -34.08 -9.82
N GLY C 334 19.78 -35.10 -10.62
CA GLY C 334 18.43 -35.43 -11.01
C GLY C 334 17.57 -35.89 -9.85
N GLY C 335 18.19 -36.21 -8.71
CA GLY C 335 17.43 -36.52 -7.51
C GLY C 335 16.62 -35.33 -6.98
N SER C 336 17.00 -34.12 -7.38
CA SER C 336 16.29 -32.88 -6.98
C SER C 336 15.49 -32.24 -8.14
N LEU C 337 15.29 -33.03 -9.18
CA LEU C 337 14.50 -32.65 -10.34
C LEU C 337 13.47 -33.75 -10.57
N PRO C 338 12.43 -33.78 -9.72
CA PRO C 338 11.56 -34.95 -9.63
C PRO C 338 10.46 -35.07 -10.70
N TYR C 339 10.78 -34.83 -11.96
CA TYR C 339 9.81 -35.02 -13.04
C TYR C 339 9.69 -36.51 -13.32
N SER C 340 8.50 -37.07 -13.12
CA SER C 340 8.31 -38.52 -13.23
C SER C 340 7.73 -38.91 -14.59
N ILE C 341 8.13 -40.07 -15.11
CA ILE C 341 7.65 -40.56 -16.42
C ILE C 341 6.13 -40.63 -16.48
N GLN C 342 5.50 -41.04 -15.39
CA GLN C 342 4.04 -41.08 -15.31
C GLN C 342 3.41 -39.73 -15.67
N THR C 343 4.01 -38.64 -15.16
CA THR C 343 3.51 -37.30 -15.45
C THR C 343 3.88 -36.92 -16.87
N ALA C 344 5.15 -37.08 -17.19
CA ALA C 344 5.68 -36.67 -18.49
C ALA C 344 4.93 -37.30 -19.66
N GLU C 345 4.55 -38.57 -19.54
CA GLU C 345 3.94 -39.25 -20.69
C GLU C 345 2.55 -38.70 -21.02
N LYS C 346 1.92 -38.08 -20.01
CA LYS C 346 0.57 -37.55 -20.17
C LYS C 346 0.54 -36.23 -20.91
N GLN C 347 1.69 -35.57 -21.02
CA GLN C 347 1.75 -34.18 -21.47
C GLN C 347 2.96 -33.89 -22.36
N ASN C 348 3.24 -34.79 -23.29
CA ASN C 348 4.35 -34.61 -24.20
C ASN C 348 4.35 -33.25 -24.91
N TRP C 349 3.17 -32.65 -25.05
CA TRP C 349 3.02 -31.33 -25.67
C TRP C 349 3.87 -30.26 -24.96
N LEU C 350 3.90 -30.31 -23.63
CA LEU C 350 4.60 -29.32 -22.81
C LEU C 350 6.06 -29.14 -23.20
N HIS C 351 6.68 -30.22 -23.68
CA HIS C 351 8.12 -30.21 -23.87
C HIS C 351 8.62 -29.43 -25.07
N SER C 352 7.72 -29.01 -25.94
CA SER C 352 8.14 -28.10 -27.02
C SER C 352 8.34 -26.68 -26.48
N TYR C 353 7.87 -26.44 -25.26
CA TYR C 353 8.13 -25.16 -24.59
C TYR C 353 9.48 -25.13 -23.86
N PHE C 354 10.16 -26.27 -23.82
CA PHE C 354 11.29 -26.42 -22.93
C PHE C 354 12.58 -25.85 -23.49
N HIS C 355 13.34 -25.23 -22.61
CA HIS C 355 14.62 -24.66 -22.94
C HIS C 355 15.66 -25.13 -21.93
N LYS C 356 16.91 -25.21 -22.36
CA LYS C 356 18.00 -25.73 -21.57
C LYS C 356 18.43 -24.77 -20.47
N TRP C 357 19.04 -25.34 -19.45
CA TRP C 357 19.71 -24.58 -18.43
C TRP C 357 21.06 -24.14 -18.96
N SER C 358 21.28 -22.85 -18.96
CA SER C 358 22.55 -22.27 -19.35
C SER C 358 22.74 -21.05 -18.47
N ALA C 359 23.89 -20.95 -17.81
CA ALA C 359 24.13 -19.83 -16.89
C ALA C 359 25.58 -19.38 -16.91
N GLU C 360 26.14 -19.21 -18.11
CA GLU C 360 27.50 -18.69 -18.24
C GLU C 360 27.64 -17.35 -17.51
N THR C 361 26.64 -16.49 -17.62
CA THR C 361 26.65 -15.23 -16.90
C THR C 361 27.04 -15.39 -15.43
N SER C 362 26.62 -16.47 -14.78
CA SER C 362 26.95 -16.64 -13.37
C SER C 362 27.91 -17.79 -13.13
N GLY C 363 28.42 -18.36 -14.21
CA GLY C 363 29.35 -19.49 -14.14
C GLY C 363 28.71 -20.75 -13.55
N ARG C 364 27.42 -20.95 -13.80
CA ARG C 364 26.66 -22.00 -13.14
C ARG C 364 25.91 -22.91 -14.12
N SER C 365 26.33 -22.93 -15.39
CA SER C 365 25.73 -23.85 -16.35
C SER C 365 25.84 -25.30 -15.90
N ASN C 366 26.83 -25.60 -15.07
CA ASN C 366 27.00 -26.97 -14.57
C ASN C 366 26.46 -27.15 -13.15
N ALA C 367 25.95 -26.07 -12.56
CA ALA C 367 25.29 -26.15 -11.25
C ALA C 367 23.77 -26.20 -11.46
N MET C 368 23.19 -27.39 -11.36
CA MET C 368 21.79 -27.57 -11.69
C MET C 368 20.86 -26.67 -10.85
N PRO C 369 19.83 -26.14 -11.49
CA PRO C 369 18.91 -25.22 -10.80
C PRO C 369 17.97 -25.92 -9.81
N HIS C 370 17.92 -25.36 -8.61
CA HIS C 370 16.86 -25.64 -7.67
C HIS C 370 16.13 -24.34 -7.34
N ILE C 371 16.69 -23.22 -7.81
CA ILE C 371 15.99 -21.93 -7.80
C ILE C 371 14.76 -22.06 -8.72
N LYS C 372 13.70 -21.30 -8.42
CA LYS C 372 12.58 -21.13 -9.34
C LYS C 372 12.38 -19.63 -9.53
N THR C 373 12.25 -19.21 -10.78
CA THR C 373 12.08 -17.80 -11.07
C THR C 373 11.08 -17.62 -12.22
N TYR C 374 10.43 -16.46 -12.27
CA TYR C 374 9.53 -16.11 -13.35
C TYR C 374 9.76 -14.64 -13.63
N MET C 375 9.64 -14.24 -14.89
CA MET C 375 9.93 -12.85 -15.27
C MET C 375 9.36 -12.47 -16.64
N ARG C 376 9.45 -11.19 -16.98
CA ARG C 376 8.82 -10.66 -18.15
C ARG C 376 9.77 -9.76 -18.91
N PRO C 377 10.65 -10.36 -19.69
CA PRO C 377 11.69 -9.60 -20.38
C PRO C 377 11.07 -8.91 -21.59
N SER C 378 11.75 -7.87 -22.10
CA SER C 378 11.39 -7.24 -23.36
C SER C 378 11.73 -8.18 -24.52
N PRO C 379 11.26 -7.87 -25.73
CA PRO C 379 11.49 -8.78 -26.87
C PRO C 379 12.97 -9.02 -27.15
N ASP C 380 13.85 -8.09 -26.80
CA ASP C 380 15.28 -8.36 -26.96
C ASP C 380 15.96 -8.81 -25.66
N PHE C 381 15.19 -9.04 -24.60
CA PHE C 381 15.73 -9.56 -23.34
C PHE C 381 16.74 -8.63 -22.66
N SER C 382 16.81 -7.36 -23.07
CA SER C 382 17.71 -6.41 -22.43
C SER C 382 17.09 -5.78 -21.20
N LYS C 383 15.78 -5.84 -21.09
CA LYS C 383 15.16 -5.36 -19.86
C LYS C 383 14.02 -6.26 -19.45
N ILE C 384 13.50 -6.06 -18.23
CA ILE C 384 12.38 -6.82 -17.68
C ILE C 384 11.33 -5.95 -16.96
N ALA C 385 10.06 -6.32 -17.10
CA ALA C 385 8.96 -5.60 -16.43
C ALA C 385 8.82 -6.00 -14.97
N TRP C 386 9.33 -7.19 -14.62
CA TRP C 386 9.32 -7.69 -13.24
C TRP C 386 10.10 -8.99 -13.10
N PHE C 387 10.40 -9.37 -11.86
CA PHE C 387 11.14 -10.60 -11.57
C PHE C 387 10.60 -11.19 -10.28
N LEU C 388 10.39 -12.49 -10.28
CA LEU C 388 9.90 -13.22 -9.12
C LEU C 388 10.86 -14.35 -8.79
N VAL C 389 11.34 -14.42 -7.55
CA VAL C 389 12.06 -15.59 -7.08
C VAL C 389 11.17 -16.24 -6.02
N THR C 390 11.03 -17.56 -6.07
CA THR C 390 10.03 -18.19 -5.22
C THR C 390 10.33 -19.65 -5.03
N SER C 391 9.60 -20.29 -4.13
CA SER C 391 9.69 -21.74 -3.99
C SER C 391 8.77 -22.47 -4.97
N ALA C 392 7.85 -21.74 -5.61
CA ALA C 392 6.82 -22.36 -6.46
C ALA C 392 7.33 -22.93 -7.79
N ASN C 393 7.25 -24.24 -7.95
CA ASN C 393 7.59 -24.89 -9.20
C ASN C 393 6.41 -24.80 -10.18
N LEU C 394 6.55 -25.43 -11.35
CA LEU C 394 5.48 -25.34 -12.34
C LEU C 394 4.47 -26.43 -12.08
N SER C 395 3.52 -26.14 -11.19
CA SER C 395 2.43 -27.07 -10.90
C SER C 395 1.20 -26.32 -10.40
N LYS C 396 0.04 -26.93 -10.62
CA LYS C 396 -1.21 -26.42 -10.09
C LYS C 396 -1.20 -26.54 -8.59
N ALA C 397 -0.56 -27.60 -8.08
CA ALA C 397 -0.46 -27.78 -6.62
C ALA C 397 0.08 -26.52 -5.95
N ALA C 398 1.11 -25.95 -6.56
CA ALA C 398 1.79 -24.76 -6.07
C ALA C 398 1.14 -23.43 -6.47
N TRP C 399 0.66 -23.35 -7.71
CA TRP C 399 0.15 -22.08 -8.23
C TRP C 399 -1.38 -21.90 -8.12
N GLY C 400 -2.11 -23.00 -8.03
CA GLY C 400 -3.57 -22.92 -7.95
C GLY C 400 -4.25 -23.29 -9.25
N ALA C 401 -5.40 -23.94 -9.14
CA ALA C 401 -6.20 -24.28 -10.31
C ALA C 401 -7.66 -23.93 -10.07
N LEU C 402 -8.33 -23.47 -11.12
CA LEU C 402 -9.71 -23.03 -11.00
C LEU C 402 -10.65 -24.25 -10.95
N GLU C 403 -11.48 -24.31 -9.92
CA GLU C 403 -12.46 -25.39 -9.79
C GLU C 403 -13.88 -24.83 -9.92
N LYS C 404 -14.87 -25.73 -9.82
CA LYS C 404 -16.29 -25.37 -9.84
C LYS C 404 -16.63 -24.22 -10.79
N ASN C 405 -16.46 -24.48 -12.08
CA ASN C 405 -16.80 -23.49 -13.12
C ASN C 405 -16.12 -22.13 -12.97
N GLY C 406 -14.89 -22.13 -12.49
CA GLY C 406 -14.11 -20.91 -12.38
C GLY C 406 -14.49 -19.97 -11.24
N THR C 407 -15.18 -20.48 -10.22
CA THR C 407 -15.53 -19.65 -9.06
C THR C 407 -14.66 -19.99 -7.86
N GLN C 408 -13.90 -21.07 -7.98
CA GLN C 408 -13.06 -21.56 -6.89
C GLN C 408 -11.60 -21.71 -7.35
N LEU C 409 -10.67 -21.24 -6.51
CA LEU C 409 -9.25 -21.46 -6.76
C LEU C 409 -8.69 -22.48 -5.75
N MET C 410 -8.22 -23.61 -6.26
CA MET C 410 -7.71 -24.66 -5.38
C MET C 410 -6.19 -24.71 -5.37
N ILE C 411 -5.61 -24.56 -4.18
CA ILE C 411 -4.17 -24.68 -3.99
C ILE C 411 -3.92 -25.79 -2.98
N ARG C 412 -2.96 -26.67 -3.27
CA ARG C 412 -2.61 -27.75 -2.36
C ARG C 412 -1.47 -27.45 -1.37
N SER C 413 -0.67 -26.42 -1.65
CA SER C 413 0.62 -26.29 -0.97
C SER C 413 0.90 -24.92 -0.40
N TYR C 414 1.84 -24.89 0.53
CA TYR C 414 2.49 -23.67 0.98
C TYR C 414 3.65 -23.36 0.06
N GLU C 415 3.66 -22.13 -0.46
CA GLU C 415 4.75 -21.61 -1.28
C GLU C 415 4.95 -20.14 -0.94
N LEU C 416 6.12 -19.60 -1.26
CA LEU C 416 6.40 -18.21 -0.89
C LEU C 416 7.48 -17.62 -1.78
N GLY C 417 7.26 -16.42 -2.27
CA GLY C 417 8.23 -15.78 -3.15
C GLY C 417 8.23 -14.27 -2.96
N VAL C 418 9.23 -13.60 -3.51
CA VAL C 418 9.25 -12.14 -3.51
C VAL C 418 9.23 -11.63 -4.94
N LEU C 419 8.38 -10.64 -5.18
CA LEU C 419 8.27 -10.08 -6.52
C LEU C 419 9.00 -8.74 -6.56
N PHE C 420 9.87 -8.57 -7.55
CA PHE C 420 10.53 -7.26 -7.69
C PHE C 420 9.82 -6.49 -8.81
N LEU C 421 9.18 -5.38 -8.43
CA LEU C 421 8.45 -4.52 -9.37
C LEU C 421 9.17 -3.21 -9.50
N PRO C 422 9.47 -2.79 -10.72
CA PRO C 422 10.14 -1.50 -10.95
C PRO C 422 9.44 -0.29 -10.25
N SER C 423 8.11 -0.29 -10.15
CA SER C 423 7.41 0.80 -9.48
C SER C 423 7.78 0.94 -8.02
N ALA C 424 8.16 -0.16 -7.39
CA ALA C 424 8.56 -0.13 -5.98
C ALA C 424 9.91 0.55 -5.82
N LEU C 425 10.66 0.67 -6.91
CA LEU C 425 11.88 1.48 -6.91
C LEU C 425 11.67 2.83 -7.61
N GLY C 426 10.45 3.08 -8.07
CA GLY C 426 10.16 4.31 -8.81
C GLY C 426 10.62 4.27 -10.26
N LEU C 427 10.80 3.07 -10.80
CA LEU C 427 11.23 2.88 -12.19
C LEU C 427 10.08 2.31 -13.00
N ASP C 428 10.26 2.22 -14.32
CA ASP C 428 9.26 1.57 -15.17
C ASP C 428 9.70 0.17 -15.66
N SER C 429 11.00 -0.09 -15.56
CA SER C 429 11.58 -1.33 -16.05
C SER C 429 12.93 -1.51 -15.37
N PHE C 430 13.42 -2.75 -15.36
CA PHE C 430 14.78 -2.97 -14.91
C PHE C 430 15.59 -3.31 -16.13
N LYS C 431 16.80 -2.77 -16.22
CA LYS C 431 17.74 -3.23 -17.21
C LYS C 431 18.31 -4.55 -16.70
N VAL C 432 18.54 -5.48 -17.62
CA VAL C 432 19.10 -6.77 -17.26
C VAL C 432 20.61 -6.67 -17.17
N LYS C 433 21.17 -7.14 -16.05
CA LYS C 433 22.61 -7.18 -15.89
C LYS C 433 23.17 -8.32 -16.74
N GLN C 434 23.91 -8.00 -17.80
CA GLN C 434 24.35 -9.02 -18.75
C GLN C 434 25.35 -10.02 -18.15
N LYS C 435 26.13 -9.54 -17.18
CA LYS C 435 27.13 -10.37 -16.50
C LYS C 435 26.94 -10.32 -14.97
N PHE C 436 26.52 -11.46 -14.40
CA PHE C 436 26.13 -11.54 -13.00
C PHE C 436 27.27 -11.09 -12.06
N ALA C 445 19.71 -0.44 -10.37
CA ALA C 445 19.12 -0.06 -11.66
C ALA C 445 18.97 -1.28 -12.56
N THR C 446 19.91 -2.21 -12.41
CA THR C 446 19.99 -3.36 -13.31
C THR C 446 19.87 -4.66 -12.52
N PHE C 447 18.89 -5.47 -12.89
CA PHE C 447 18.60 -6.67 -12.14
C PHE C 447 19.49 -7.85 -12.54
N PRO C 448 20.07 -8.52 -11.55
CA PRO C 448 20.93 -9.69 -11.78
C PRO C 448 20.17 -10.97 -12.13
N VAL C 449 19.75 -11.12 -13.38
CA VAL C 449 19.24 -12.39 -13.88
C VAL C 449 20.37 -13.42 -13.86
N PRO C 450 20.17 -14.50 -13.11
CA PRO C 450 21.24 -15.47 -12.83
C PRO C 450 21.56 -16.49 -13.94
N TYR C 451 20.76 -16.54 -14.99
CA TYR C 451 20.99 -17.47 -16.09
C TYR C 451 20.92 -16.74 -17.42
N ASP C 452 21.40 -17.39 -18.49
CA ASP C 452 21.62 -16.73 -19.78
C ASP C 452 20.34 -16.39 -20.54
N LEU C 453 20.37 -15.29 -21.29
CA LEU C 453 19.24 -14.88 -22.13
C LEU C 453 19.72 -14.62 -23.56
N PRO C 454 18.85 -14.88 -24.55
CA PRO C 454 17.55 -15.51 -24.34
C PRO C 454 17.77 -17.00 -24.09
N PRO C 455 16.79 -17.71 -23.57
CA PRO C 455 16.94 -19.14 -23.30
C PRO C 455 17.10 -19.94 -24.60
N GLU C 456 17.89 -21.01 -24.56
CA GLU C 456 18.10 -21.86 -25.72
C GLU C 456 17.16 -23.06 -25.75
N LEU C 457 16.46 -23.19 -26.87
CA LEU C 457 15.56 -24.30 -27.11
C LEU C 457 16.27 -25.66 -27.07
N TYR C 458 15.59 -26.66 -26.52
CA TYR C 458 16.01 -28.06 -26.65
C TYR C 458 16.36 -28.39 -28.13
N GLY C 459 17.53 -28.97 -28.36
CA GLY C 459 17.84 -29.55 -29.66
C GLY C 459 16.88 -30.71 -29.98
N SER C 460 17.07 -31.35 -31.14
CA SER C 460 16.19 -32.44 -31.54
C SER C 460 16.45 -33.73 -30.76
N LYS C 461 17.69 -33.92 -30.33
CA LYS C 461 18.04 -35.10 -29.52
C LYS C 461 17.97 -34.91 -27.99
N ASP C 462 17.42 -33.78 -27.53
CA ASP C 462 17.34 -33.50 -26.09
C ASP C 462 16.04 -34.01 -25.51
N ARG C 463 16.08 -34.43 -24.24
CA ARG C 463 14.86 -34.79 -23.53
C ARG C 463 14.91 -34.07 -22.21
N PRO C 464 13.75 -33.80 -21.63
CA PRO C 464 13.72 -33.23 -20.28
C PRO C 464 14.22 -34.30 -19.30
N TRP C 465 14.96 -33.88 -18.28
CA TRP C 465 15.35 -34.80 -17.22
C TRP C 465 14.10 -35.42 -16.62
N ILE C 466 14.03 -36.75 -16.63
CA ILE C 466 12.93 -37.48 -15.97
C ILE C 466 13.58 -38.42 -14.96
N TRP C 467 13.26 -38.24 -13.69
CA TRP C 467 14.05 -38.84 -12.62
C TRP C 467 13.91 -40.35 -12.35
N ASN C 468 12.85 -40.99 -12.84
CA ASN C 468 12.61 -42.38 -12.48
C ASN C 468 12.75 -43.38 -13.61
N ILE C 469 13.44 -42.99 -14.68
CA ILE C 469 13.82 -43.93 -15.72
C ILE C 469 15.34 -43.95 -15.74
N PRO C 470 15.94 -45.04 -16.20
CA PRO C 470 17.41 -45.20 -16.19
C PRO C 470 18.12 -44.55 -17.38
N TYR C 471 19.35 -44.11 -17.14
CA TYR C 471 20.18 -43.55 -18.19
C TYR C 471 21.46 -44.35 -18.09
N VAL C 472 21.69 -45.18 -19.11
CA VAL C 472 22.77 -46.17 -19.06
C VAL C 472 23.62 -46.19 -20.32
N LYS C 473 23.27 -45.35 -21.29
CA LYS C 473 24.01 -45.32 -22.54
C LYS C 473 25.29 -44.50 -22.43
N ALA C 474 25.28 -43.50 -21.56
CA ALA C 474 26.45 -42.66 -21.40
C ALA C 474 26.67 -42.34 -19.93
N PRO C 475 27.92 -42.39 -19.51
CA PRO C 475 28.27 -42.08 -18.12
C PRO C 475 28.19 -40.59 -17.85
N ASP C 476 28.09 -40.23 -16.57
CA ASP C 476 28.00 -38.83 -16.20
C ASP C 476 29.38 -38.33 -15.85
N THR C 477 29.43 -37.14 -15.26
CA THR C 477 30.66 -36.49 -14.87
C THR C 477 31.57 -37.38 -14.02
N HIS C 478 30.98 -38.28 -13.24
CA HIS C 478 31.79 -39.06 -12.33
C HIS C 478 31.93 -40.52 -12.81
N GLY C 479 31.54 -40.77 -14.07
CA GLY C 479 31.65 -42.09 -14.67
C GLY C 479 30.56 -43.07 -14.22
N ASN C 480 29.46 -42.53 -13.71
CA ASN C 480 28.36 -43.34 -13.20
C ASN C 480 27.18 -43.35 -14.15
N MET C 481 26.34 -44.38 -14.02
CA MET C 481 25.07 -44.40 -14.72
C MET C 481 23.99 -44.08 -13.71
N TRP C 482 22.73 -44.06 -14.16
CA TRP C 482 21.62 -43.75 -13.28
C TRP C 482 20.57 -44.84 -13.50
N VAL C 483 20.31 -45.61 -12.46
CA VAL C 483 19.34 -46.68 -12.52
C VAL C 483 18.48 -46.64 -11.26
N PRO C 484 17.41 -45.85 -11.31
CA PRO C 484 16.55 -45.66 -10.14
C PRO C 484 15.79 -46.94 -9.87
N SER C 485 15.56 -47.27 -8.61
CA SER C 485 14.85 -48.50 -8.27
C SER C 485 15.54 -49.21 -7.12
N ASN D 39 3.95 13.91 18.21
CA ASN D 39 2.50 13.80 17.89
C ASN D 39 2.32 13.25 16.46
N PRO D 40 1.60 12.14 16.37
CA PRO D 40 1.48 11.42 15.10
C PRO D 40 0.39 11.98 14.22
N PHE D 41 -0.52 12.77 14.78
CA PHE D 41 -1.61 13.28 13.96
C PHE D 41 -1.26 14.55 13.18
N GLN D 42 -0.56 15.49 13.79
CA GLN D 42 -0.23 16.76 13.15
C GLN D 42 -1.50 17.43 12.60
N PHE D 43 -2.56 17.35 13.38
CA PHE D 43 -3.81 18.02 13.09
C PHE D 43 -3.85 19.25 13.99
N TYR D 44 -4.03 20.44 13.40
CA TYR D 44 -4.09 21.68 14.17
C TYR D 44 -5.33 22.48 13.79
N LEU D 45 -5.71 23.40 14.67
CA LEU D 45 -6.79 24.35 14.43
C LEU D 45 -6.11 25.68 14.14
N THR D 46 -6.79 26.59 13.45
CA THR D 46 -6.21 27.91 13.25
C THR D 46 -6.41 28.72 14.52
N ARG D 47 -5.58 29.73 14.68
CA ARG D 47 -5.64 30.63 15.82
C ARG D 47 -6.93 31.44 15.71
N VAL D 48 -7.57 31.68 16.84
CA VAL D 48 -8.80 32.45 16.88
C VAL D 48 -8.58 33.72 17.70
N SER D 49 -8.83 34.88 17.11
CA SER D 49 -8.57 36.11 17.84
C SER D 49 -9.68 36.29 18.86
N GLY D 50 -9.30 36.40 20.12
CA GLY D 50 -10.27 36.85 21.10
C GLY D 50 -10.44 35.86 22.21
N VAL D 51 -10.29 34.57 21.89
CA VAL D 51 -10.35 33.52 22.90
C VAL D 51 -9.15 33.60 23.82
N LYS D 52 -9.24 32.96 24.97
CA LYS D 52 -8.14 32.91 25.94
C LYS D 52 -6.92 32.21 25.36
N PRO D 53 -5.74 32.76 25.66
CA PRO D 53 -4.46 32.24 25.15
C PRO D 53 -4.32 30.71 25.21
N LYS D 54 -4.85 30.07 26.25
CA LYS D 54 -4.78 28.62 26.37
C LYS D 54 -5.50 27.84 25.26
N TYR D 55 -6.41 28.51 24.56
CA TYR D 55 -7.11 27.90 23.44
C TYR D 55 -6.41 28.20 22.14
N ASN D 56 -5.35 28.99 22.22
CA ASN D 56 -4.52 29.29 21.06
C ASN D 56 -3.10 28.70 21.14
N SER D 57 -2.75 28.07 22.26
CA SER D 57 -1.36 27.59 22.45
C SER D 57 -0.95 26.51 21.42
N GLY D 58 -1.79 25.52 21.19
CA GLY D 58 -1.50 24.54 20.16
C GLY D 58 -1.94 24.92 18.75
N ALA D 59 -2.41 26.15 18.55
CA ALA D 59 -3.00 26.53 17.26
C ALA D 59 -2.04 27.31 16.35
N LEU D 60 -2.37 27.38 15.06
CA LEU D 60 -1.49 27.97 14.07
C LEU D 60 -2.19 29.03 13.22
N HIS D 61 -1.53 30.16 13.03
CA HIS D 61 -1.97 31.16 12.09
C HIS D 61 -1.17 30.87 10.82
N ILE D 62 -1.63 31.36 9.68
CA ILE D 62 -0.88 31.19 8.45
C ILE D 62 0.54 31.80 8.54
N LYS D 63 0.72 32.86 9.33
CA LYS D 63 2.07 33.39 9.51
C LYS D 63 3.01 32.37 10.15
N ASP D 64 2.48 31.55 11.07
CA ASP D 64 3.27 30.51 11.68
C ASP D 64 3.67 29.47 10.63
N ILE D 65 2.70 29.01 9.85
CA ILE D 65 2.94 27.99 8.83
C ILE D 65 4.03 28.39 7.84
N LEU D 66 4.07 29.68 7.50
CA LEU D 66 5.00 30.17 6.48
C LEU D 66 6.35 30.69 7.02
N SER D 67 6.52 30.70 8.33
CA SER D 67 7.74 31.29 8.92
C SER D 67 9.03 30.50 8.60
N PRO D 68 10.18 31.18 8.70
CA PRO D 68 11.49 30.54 8.51
C PRO D 68 11.63 29.30 9.39
N LEU D 69 10.95 29.29 10.53
CA LEU D 69 11.07 28.16 11.45
C LEU D 69 10.57 26.86 10.83
N PHE D 70 9.68 26.95 9.84
CA PHE D 70 9.13 25.74 9.23
C PHE D 70 10.01 25.28 8.06
N GLY D 71 10.92 26.14 7.63
CA GLY D 71 11.81 25.81 6.52
C GLY D 71 12.18 27.04 5.72
N THR D 72 13.21 26.92 4.90
CA THR D 72 13.67 28.04 4.08
C THR D 72 13.02 27.98 2.71
N LEU D 73 12.01 28.82 2.51
CA LEU D 73 11.20 28.79 1.31
C LEU D 73 11.97 29.12 0.05
N VAL D 74 11.75 28.29 -0.98
CA VAL D 74 12.28 28.48 -2.31
C VAL D 74 11.13 28.84 -3.29
N SER D 75 10.01 28.13 -3.18
CA SER D 75 8.75 28.54 -3.81
C SER D 75 7.61 27.78 -3.19
N SER D 76 6.41 28.13 -3.60
CA SER D 76 5.22 27.55 -2.99
C SER D 76 4.07 27.60 -3.98
N ALA D 77 3.13 26.68 -3.80
CA ALA D 77 1.90 26.65 -4.60
C ALA D 77 0.75 26.73 -3.61
N GLN D 78 -0.19 27.64 -3.89
CA GLN D 78 -1.33 27.82 -3.00
C GLN D 78 -2.59 27.43 -3.76
N PHE D 79 -3.16 26.28 -3.41
CA PHE D 79 -4.40 25.83 -3.99
C PHE D 79 -5.52 26.37 -3.10
N ASN D 80 -6.48 27.03 -3.71
CA ASN D 80 -7.60 27.52 -2.92
C ASN D 80 -8.79 27.91 -3.78
N TYR D 81 -9.82 28.41 -3.11
CA TYR D 81 -11.07 28.82 -3.74
C TYR D 81 -11.09 30.35 -3.83
N CYS D 82 -11.05 31.01 -2.68
CA CYS D 82 -10.99 32.47 -2.61
C CYS D 82 -9.62 32.95 -2.18
N PHE D 83 -9.19 34.04 -2.79
CA PHE D 83 -7.88 34.63 -2.55
C PHE D 83 -8.03 36.14 -2.36
N ASP D 84 -7.34 36.67 -1.36
CA ASP D 84 -7.12 38.09 -1.25
C ASP D 84 -5.60 38.21 -1.41
N VAL D 85 -5.15 38.64 -2.59
CA VAL D 85 -3.73 38.51 -2.92
C VAL D 85 -2.83 39.43 -2.11
N ASP D 86 -3.29 40.66 -1.88
CA ASP D 86 -2.56 41.62 -1.05
C ASP D 86 -2.41 41.10 0.37
N TRP D 87 -3.48 40.55 0.92
CA TRP D 87 -3.42 39.96 2.25
C TRP D 87 -2.49 38.74 2.27
N LEU D 88 -2.60 37.88 1.26
CA LEU D 88 -1.81 36.65 1.23
C LEU D 88 -0.30 36.91 1.26
N VAL D 89 0.16 37.79 0.38
CA VAL D 89 1.59 38.14 0.31
C VAL D 89 2.13 38.61 1.64
N LYS D 90 1.33 39.36 2.39
CA LYS D 90 1.73 39.88 3.67
C LYS D 90 1.86 38.78 4.73
N GLN D 91 1.29 37.60 4.49
CA GLN D 91 1.41 36.52 5.46
C GLN D 91 2.76 35.80 5.32
N TYR D 92 3.42 35.97 4.18
CA TYR D 92 4.75 35.40 4.00
C TYR D 92 5.72 36.30 4.77
N PRO D 93 6.74 35.73 5.41
CA PRO D 93 7.76 36.54 6.08
C PRO D 93 8.46 37.49 5.10
N PRO D 94 8.80 38.70 5.53
CA PRO D 94 9.43 39.69 4.66
C PRO D 94 10.52 39.09 3.76
N GLU D 95 11.37 38.24 4.31
CA GLU D 95 12.50 37.69 3.56
C GLU D 95 12.08 36.73 2.43
N PHE D 96 10.85 36.22 2.50
CA PHE D 96 10.36 35.21 1.54
C PHE D 96 9.35 35.78 0.54
N ARG D 97 9.06 37.07 0.64
CA ARG D 97 7.94 37.68 -0.10
C ARG D 97 8.13 37.79 -1.61
N LYS D 98 9.34 37.57 -2.10
CA LYS D 98 9.59 37.64 -3.52
C LYS D 98 9.91 36.27 -4.12
N LYS D 99 9.91 35.22 -3.30
CA LYS D 99 10.00 33.87 -3.84
C LYS D 99 8.79 33.60 -4.74
N PRO D 100 8.93 32.72 -5.72
CA PRO D 100 7.81 32.39 -6.61
C PRO D 100 6.62 31.77 -5.87
N ILE D 101 5.42 32.27 -6.19
CA ILE D 101 4.17 31.75 -5.69
C ILE D 101 3.28 31.39 -6.87
N LEU D 102 2.75 30.18 -6.88
CA LEU D 102 1.73 29.83 -7.84
C LEU D 102 0.36 29.76 -7.15
N LEU D 103 -0.63 30.46 -7.69
CA LEU D 103 -1.98 30.38 -7.16
C LEU D 103 -2.79 29.45 -8.07
N VAL D 104 -3.38 28.42 -7.48
CA VAL D 104 -4.20 27.49 -8.25
C VAL D 104 -5.66 27.72 -7.91
N HIS D 105 -6.41 28.18 -8.91
CA HIS D 105 -7.78 28.66 -8.67
C HIS D 105 -8.71 28.12 -9.74
N GLY D 106 -9.99 28.38 -9.62
CA GLY D 106 -10.94 27.94 -10.63
C GLY D 106 -11.74 29.07 -11.26
N ASP D 107 -11.36 30.31 -10.97
CA ASP D 107 -12.11 31.49 -11.41
C ASP D 107 -12.18 31.59 -12.93
N LYS D 108 -13.32 32.06 -13.42
CA LYS D 108 -13.56 32.23 -14.85
C LYS D 108 -13.98 33.66 -15.20
N ARG D 109 -13.82 34.02 -16.48
CA ARG D 109 -14.36 35.27 -17.00
C ARG D 109 -13.98 36.48 -16.17
N GLU D 110 -14.96 37.20 -15.64
CA GLU D 110 -14.67 38.45 -14.94
C GLU D 110 -14.00 38.27 -13.57
N ALA D 111 -14.35 37.19 -12.86
CA ALA D 111 -13.67 36.87 -11.60
C ALA D 111 -12.18 36.56 -11.84
N LYS D 112 -11.88 35.87 -12.94
CA LYS D 112 -10.49 35.61 -13.33
C LYS D 112 -9.71 36.91 -13.55
N ALA D 113 -10.29 37.80 -14.34
CA ALA D 113 -9.70 39.10 -14.61
C ALA D 113 -9.49 39.85 -13.32
N HIS D 114 -10.43 39.73 -12.39
CA HIS D 114 -10.28 40.37 -11.10
C HIS D 114 -9.09 39.77 -10.33
N LEU D 115 -8.93 38.45 -10.43
CA LEU D 115 -7.83 37.81 -9.72
C LEU D 115 -6.48 38.16 -10.34
N HIS D 116 -6.42 38.22 -11.67
CA HIS D 116 -5.18 38.60 -12.33
C HIS D 116 -4.80 40.03 -11.97
N ALA D 117 -5.78 40.91 -11.95
CA ALA D 117 -5.54 42.31 -11.55
C ALA D 117 -4.94 42.41 -10.15
N GLN D 118 -5.43 41.58 -9.23
CA GLN D 118 -4.88 41.52 -7.87
C GLN D 118 -3.41 41.09 -7.88
N ALA D 119 -3.10 40.06 -8.65
CA ALA D 119 -1.75 39.50 -8.68
C ALA D 119 -0.77 40.36 -9.46
N LYS D 120 -1.29 41.09 -10.46
CA LYS D 120 -0.46 41.91 -11.36
C LYS D 120 0.71 42.67 -10.75
N PRO D 121 0.48 43.41 -9.66
CA PRO D 121 1.56 44.19 -9.02
C PRO D 121 2.73 43.34 -8.51
N TYR D 122 2.52 42.05 -8.33
CA TYR D 122 3.52 41.16 -7.72
C TYR D 122 4.14 40.26 -8.78
N GLU D 123 5.32 40.63 -9.25
CA GLU D 123 5.90 39.93 -10.38
C GLU D 123 6.29 38.45 -10.10
N ASN D 124 6.46 38.11 -8.82
CA ASN D 124 6.76 36.73 -8.43
C ASN D 124 5.53 35.79 -8.40
N ILE D 125 4.34 36.30 -8.68
CA ILE D 125 3.14 35.47 -8.63
C ILE D 125 2.71 34.99 -9.99
N SER D 126 2.61 33.68 -10.16
CA SER D 126 1.97 33.10 -11.35
C SER D 126 0.60 32.56 -10.98
N LEU D 127 -0.23 32.34 -11.99
CA LEU D 127 -1.58 31.83 -11.81
C LEU D 127 -1.86 30.59 -12.65
N CYS D 128 -2.56 29.61 -12.07
CA CYS D 128 -2.98 28.39 -12.75
C CYS D 128 -4.48 28.21 -12.62
N GLN D 129 -5.18 28.30 -13.75
CA GLN D 129 -6.63 28.15 -13.77
C GLN D 129 -6.97 26.68 -13.90
N ALA D 130 -7.56 26.11 -12.85
CA ALA D 130 -7.96 24.71 -12.88
C ALA D 130 -9.19 24.60 -13.76
N LYS D 131 -9.21 23.59 -14.62
CA LYS D 131 -10.32 23.45 -15.54
C LYS D 131 -11.56 22.88 -14.84
N LEU D 132 -12.71 23.47 -15.15
CA LEU D 132 -13.98 23.09 -14.55
C LEU D 132 -14.97 22.93 -15.70
N ASP D 133 -14.94 21.77 -16.33
CA ASP D 133 -15.75 21.57 -17.52
C ASP D 133 -17.17 21.12 -17.21
N ILE D 134 -17.50 21.04 -15.92
CA ILE D 134 -18.85 20.70 -15.52
C ILE D 134 -19.44 21.82 -14.70
N ALA D 135 -20.64 22.23 -15.08
CA ALA D 135 -21.33 23.37 -14.46
C ALA D 135 -21.54 23.21 -12.95
N PHE D 136 -21.42 24.33 -12.25
CA PHE D 136 -21.60 24.40 -10.81
C PHE D 136 -20.51 23.66 -10.04
N GLY D 137 -19.43 23.34 -10.74
CA GLY D 137 -18.22 22.86 -10.08
C GLY D 137 -17.38 24.02 -9.57
N THR D 138 -16.56 23.76 -8.56
CA THR D 138 -15.61 24.77 -8.10
C THR D 138 -14.25 24.14 -7.81
N HIS D 139 -13.22 24.95 -7.81
CA HIS D 139 -11.92 24.46 -7.37
C HIS D 139 -11.85 24.75 -5.89
N HIS D 140 -12.28 23.79 -5.06
CA HIS D 140 -12.49 24.09 -3.65
C HIS D 140 -11.31 23.67 -2.73
N THR D 141 -10.45 22.79 -3.22
CA THR D 141 -9.25 22.32 -2.52
C THR D 141 -8.43 23.43 -1.86
N LYS D 142 -8.03 23.21 -0.59
CA LYS D 142 -7.14 24.12 0.12
C LYS D 142 -5.86 23.37 0.43
N MET D 143 -4.78 23.74 -0.24
CA MET D 143 -3.53 23.04 -0.06
C MET D 143 -2.36 24.00 -0.32
N MET D 144 -1.30 23.86 0.49
CA MET D 144 -0.05 24.58 0.21
C MET D 144 1.04 23.58 -0.15
N LEU D 145 1.74 23.81 -1.25
CA LEU D 145 2.93 23.01 -1.46
C LEU D 145 4.10 23.96 -1.20
N LEU D 146 4.97 23.58 -0.26
CA LEU D 146 6.03 24.47 0.22
C LEU D 146 7.37 23.83 -0.03
N LEU D 147 8.10 24.37 -1.00
CA LEU D 147 9.42 23.85 -1.35
C LEU D 147 10.47 24.63 -0.59
N TYR D 148 11.30 23.93 0.17
CA TYR D 148 12.32 24.55 1.00
C TYR D 148 13.71 24.16 0.49
N GLU D 149 14.73 24.87 0.96
CA GLU D 149 16.09 24.40 0.78
C GLU D 149 16.27 23.02 1.41
N GLU D 150 15.59 22.80 2.54
CA GLU D 150 15.76 21.60 3.36
C GLU D 150 14.90 20.41 2.93
N GLY D 151 13.90 20.65 2.10
CA GLY D 151 12.98 19.58 1.73
C GLY D 151 11.67 20.13 1.21
N LEU D 152 10.57 19.39 1.43
CA LEU D 152 9.26 19.76 0.90
C LEU D 152 8.23 19.57 1.98
N ARG D 153 7.24 20.47 2.05
CA ARG D 153 6.11 20.23 2.94
C ARG D 153 4.79 20.36 2.19
N VAL D 154 3.81 19.55 2.60
CA VAL D 154 2.45 19.64 2.09
C VAL D 154 1.52 20.00 3.23
N VAL D 155 0.68 21.02 3.02
CA VAL D 155 -0.27 21.44 4.04
C VAL D 155 -1.66 21.29 3.45
N ILE D 156 -2.50 20.49 4.08
CA ILE D 156 -3.89 20.36 3.61
C ILE D 156 -4.82 20.90 4.69
N HIS D 157 -5.63 21.88 4.31
CA HIS D 157 -6.39 22.63 5.29
C HIS D 157 -7.79 23.02 4.79
N THR D 158 -8.50 23.86 5.54
CA THR D 158 -9.89 24.19 5.18
C THR D 158 -10.17 25.67 4.95
N SER D 159 -9.14 26.52 5.03
CA SER D 159 -9.34 27.98 4.96
C SER D 159 -9.11 28.59 3.58
N ASN D 160 -9.97 29.52 3.18
CA ASN D 160 -9.68 30.38 2.01
C ASN D 160 -8.53 31.31 2.36
N LEU D 161 -7.87 31.89 1.35
CA LEU D 161 -6.79 32.80 1.64
C LEU D 161 -7.31 34.22 1.71
N ILE D 162 -8.20 34.45 2.69
CA ILE D 162 -8.71 35.78 3.02
C ILE D 162 -8.65 35.95 4.53
N HIS D 163 -8.66 37.21 4.98
CA HIS D 163 -8.45 37.56 6.39
C HIS D 163 -9.48 36.93 7.28
N ALA D 164 -10.73 36.98 6.85
CA ALA D 164 -11.84 36.53 7.69
C ALA D 164 -11.76 35.04 8.01
N ASP D 165 -11.15 34.29 7.12
CA ASP D 165 -11.12 32.84 7.28
C ASP D 165 -10.08 32.42 8.32
N TRP D 166 -9.14 33.29 8.62
CA TRP D 166 -8.12 32.97 9.60
C TRP D 166 -8.25 33.80 10.88
N HIS D 167 -9.35 34.54 11.01
CA HIS D 167 -9.50 35.49 12.09
C HIS D 167 -10.25 34.89 13.28
N GLN D 168 -11.53 34.59 13.07
CA GLN D 168 -12.35 34.06 14.15
C GLN D 168 -13.15 32.81 13.81
N LYS D 169 -12.63 31.97 12.92
CA LYS D 169 -13.38 30.75 12.54
C LYS D 169 -12.72 29.49 13.10
N THR D 170 -13.49 28.42 13.25
CA THR D 170 -12.89 27.13 13.48
C THR D 170 -12.49 26.53 12.13
N GLN D 171 -11.19 26.30 11.95
CA GLN D 171 -10.63 25.75 10.70
C GLN D 171 -9.60 24.67 11.04
N GLY D 172 -9.40 23.72 10.14
CA GLY D 172 -8.48 22.63 10.39
C GLY D 172 -7.28 22.64 9.48
N ILE D 173 -6.16 22.15 10.00
CA ILE D 173 -4.93 22.07 9.22
C ILE D 173 -4.30 20.70 9.41
N TRP D 174 -3.87 20.06 8.32
CA TRP D 174 -2.93 18.95 8.44
C TRP D 174 -1.54 19.36 7.94
N LEU D 175 -0.53 19.12 8.78
CA LEU D 175 0.86 19.46 8.45
C LEU D 175 1.65 18.21 8.16
N SER D 176 2.22 18.11 6.96
CA SER D 176 3.05 16.96 6.65
C SER D 176 4.39 17.07 7.39
N PRO D 177 5.12 15.95 7.46
CA PRO D 177 6.52 15.97 7.89
C PRO D 177 7.28 16.78 6.88
N LEU D 178 8.45 17.29 7.27
CA LEU D 178 9.41 17.81 6.32
C LEU D 178 9.92 16.60 5.52
N TYR D 179 9.65 16.59 4.23
CA TYR D 179 10.07 15.47 3.38
C TYR D 179 11.44 15.79 2.80
N PRO D 180 12.44 14.95 3.05
CA PRO D 180 13.77 15.17 2.48
C PRO D 180 13.78 14.79 1.02
N ARG D 181 14.76 15.35 0.30
CA ARG D 181 15.05 14.99 -1.07
C ARG D 181 15.60 13.57 -1.08
N ILE D 182 15.24 12.81 -2.11
CA ILE D 182 15.81 11.48 -2.27
C ILE D 182 17.27 11.55 -2.75
N ALA D 183 18.12 10.73 -2.14
CA ALA D 183 19.57 10.75 -2.37
C ALA D 183 19.99 10.56 -3.82
N ASP D 184 21.03 11.28 -4.22
CA ASP D 184 21.60 11.17 -5.56
C ASP D 184 21.88 9.69 -5.90
N GLY D 185 21.48 9.30 -7.10
CA GLY D 185 21.67 7.93 -7.56
C GLY D 185 21.21 6.87 -6.58
N THR D 186 20.21 7.21 -5.76
CA THR D 186 19.55 6.21 -4.92
C THR D 186 18.30 5.72 -5.65
N HIS D 187 17.99 4.44 -5.50
CA HIS D 187 16.81 3.88 -6.15
C HIS D 187 15.70 3.71 -5.14
N LYS D 188 15.03 4.81 -4.81
CA LYS D 188 13.94 4.76 -3.84
C LYS D 188 12.65 5.31 -4.45
N SER D 189 11.54 4.68 -4.12
CA SER D 189 10.24 5.21 -4.49
C SER D 189 9.97 6.49 -3.70
N GLY D 190 10.33 6.50 -2.43
CA GLY D 190 9.93 7.59 -1.55
C GLY D 190 8.45 7.49 -1.19
N GLU D 191 7.89 6.29 -1.30
CA GLU D 191 6.44 6.13 -1.13
C GLU D 191 6.10 5.66 0.28
N SER D 192 4.92 6.03 0.78
CA SER D 192 4.48 5.55 2.09
C SER D 192 3.56 4.35 1.95
N PRO D 193 3.35 3.63 3.05
CA PRO D 193 2.36 2.57 3.10
C PRO D 193 0.91 3.02 2.76
N THR D 194 0.63 4.32 2.87
CA THR D 194 -0.71 4.82 2.54
C THR D 194 -0.83 5.25 1.08
N HIS D 195 0.29 5.24 0.37
CA HIS D 195 0.35 5.59 -1.06
C HIS D 195 0.18 7.10 -1.29
N PHE D 196 0.41 7.86 -0.23
CA PHE D 196 0.22 9.30 -0.29
C PHE D 196 0.90 9.92 -1.50
N LYS D 197 2.13 9.49 -1.77
CA LYS D 197 2.92 10.16 -2.81
C LYS D 197 2.33 9.93 -4.19
N ALA D 198 2.10 8.67 -4.54
CA ALA D 198 1.41 8.32 -5.80
C ALA D 198 0.01 8.96 -5.87
N ASN D 199 -0.72 8.99 -4.75
CA ASN D 199 -2.09 9.53 -4.77
C ASN D 199 -2.05 11.04 -4.97
N LEU D 200 -1.04 11.70 -4.40
CA LEU D 200 -0.96 13.14 -4.54
C LEU D 200 -0.58 13.49 -5.97
N ILE D 201 0.33 12.72 -6.53
CA ILE D 201 0.72 12.91 -7.92
C ILE D 201 -0.45 12.69 -8.85
N SER D 202 -1.23 11.63 -8.62
CA SER D 202 -2.46 11.37 -9.41
C SER D 202 -3.43 12.56 -9.34
N TYR D 203 -3.65 13.04 -8.12
CA TYR D 203 -4.50 14.20 -7.93
C TYR D 203 -4.03 15.37 -8.82
N LEU D 204 -2.74 15.72 -8.71
CA LEU D 204 -2.22 16.84 -9.49
C LEU D 204 -2.23 16.59 -11.00
N THR D 205 -2.07 15.33 -11.39
CA THR D 205 -2.06 14.94 -12.79
C THR D 205 -3.41 15.20 -13.48
N ALA D 206 -4.49 15.09 -12.72
CA ALA D 206 -5.84 15.31 -13.25
C ALA D 206 -6.10 16.75 -13.71
N TYR D 207 -5.32 17.72 -13.22
CA TYR D 207 -5.49 19.10 -13.69
C TYR D 207 -4.99 19.27 -15.12
N ASN D 208 -4.06 18.44 -15.57
CA ASN D 208 -3.46 18.61 -16.91
C ASN D 208 -2.86 19.99 -17.12
N ALA D 209 -2.12 20.46 -16.13
CA ALA D 209 -1.63 21.81 -16.19
C ALA D 209 -0.11 21.83 -16.14
N PRO D 210 0.49 22.60 -17.05
CA PRO D 210 1.96 22.68 -17.14
C PRO D 210 2.61 23.17 -15.86
N SER D 211 2.03 24.18 -15.22
CA SER D 211 2.59 24.69 -13.97
C SER D 211 2.55 23.63 -12.86
N LEU D 212 1.63 22.68 -12.97
CA LEU D 212 1.54 21.67 -11.93
C LEU D 212 2.52 20.52 -12.20
N LYS D 213 2.85 20.32 -13.47
CA LYS D 213 3.80 19.28 -13.82
C LYS D 213 5.14 19.54 -13.14
N GLU D 214 5.60 20.77 -13.11
CA GLU D 214 6.80 21.12 -12.35
C GLU D 214 6.67 20.70 -10.88
N TRP D 215 5.50 20.89 -10.30
CA TRP D 215 5.31 20.52 -8.90
C TRP D 215 5.28 19.00 -8.75
N ILE D 216 4.71 18.31 -9.73
CA ILE D 216 4.74 16.84 -9.77
C ILE D 216 6.19 16.35 -9.82
N ASP D 217 7.03 17.03 -10.59
CA ASP D 217 8.41 16.62 -10.69
C ASP D 217 9.14 16.89 -9.36
N VAL D 218 8.77 17.97 -8.68
CA VAL D 218 9.32 18.20 -7.35
C VAL D 218 8.96 17.07 -6.37
N ILE D 219 7.70 16.68 -6.36
CA ILE D 219 7.29 15.64 -5.44
C ILE D 219 7.97 14.29 -5.76
N HIS D 220 8.14 13.97 -7.05
CA HIS D 220 8.85 12.76 -7.46
C HIS D 220 10.23 12.65 -6.80
N LYS D 221 10.90 13.79 -6.64
CA LYS D 221 12.26 13.85 -6.11
C LYS D 221 12.34 13.83 -4.58
N HIS D 222 11.19 13.85 -3.90
CA HIS D 222 11.21 13.85 -2.45
C HIS D 222 10.75 12.51 -1.85
N ASP D 223 11.17 12.28 -0.61
CA ASP D 223 10.86 11.05 0.09
C ASP D 223 9.68 11.30 1.00
N LEU D 224 8.52 10.74 0.65
CA LEU D 224 7.28 10.94 1.43
C LEU D 224 6.90 9.70 2.24
N SER D 225 7.87 8.82 2.47
CA SER D 225 7.59 7.51 3.06
C SER D 225 7.02 7.60 4.45
N GLU D 226 7.30 8.68 5.18
CA GLU D 226 6.85 8.79 6.56
C GLU D 226 5.37 9.20 6.71
N THR D 227 4.72 9.55 5.60
CA THR D 227 3.32 9.95 5.65
C THR D 227 2.46 8.85 6.25
N ASN D 228 1.64 9.16 7.25
CA ASN D 228 0.78 8.17 7.87
C ASN D 228 -0.73 8.43 7.67
N VAL D 229 -1.08 9.34 6.76
CA VAL D 229 -2.49 9.57 6.45
C VAL D 229 -2.78 9.18 5.00
N TYR D 230 -4.06 8.95 4.70
CA TYR D 230 -4.50 8.65 3.32
C TYR D 230 -5.06 9.89 2.65
N LEU D 231 -4.72 10.10 1.39
CA LEU D 231 -5.28 11.22 0.62
C LEU D 231 -6.68 10.90 0.08
N ILE D 232 -7.65 11.78 0.32
CA ILE D 232 -8.96 11.67 -0.32
C ILE D 232 -9.26 12.88 -1.19
N GLY D 233 -9.28 12.67 -2.49
CA GLY D 233 -9.47 13.75 -3.43
C GLY D 233 -10.79 13.64 -4.18
N SER D 234 -11.29 14.79 -4.60
CA SER D 234 -12.32 14.85 -5.62
C SER D 234 -11.72 15.63 -6.76
N THR D 235 -12.05 15.19 -7.97
CA THR D 235 -11.63 15.89 -9.17
C THR D 235 -12.84 15.84 -10.15
N PRO D 236 -13.03 16.88 -10.95
CA PRO D 236 -14.19 16.95 -11.84
C PRO D 236 -14.17 15.83 -12.88
N GLY D 237 -15.29 15.15 -13.04
CA GLY D 237 -15.42 14.19 -14.13
C GLY D 237 -16.51 13.15 -13.92
N ARG D 238 -16.50 12.16 -14.80
CA ARG D 238 -17.37 11.02 -14.70
C ARG D 238 -16.49 9.79 -14.67
N PHE D 239 -16.62 9.01 -13.60
CA PHE D 239 -15.71 7.91 -13.38
C PHE D 239 -16.41 6.54 -13.36
N GLN D 240 -15.96 5.67 -14.26
CA GLN D 240 -16.49 4.30 -14.42
C GLN D 240 -15.36 3.29 -14.25
N GLY D 241 -15.73 2.03 -14.02
CA GLY D 241 -14.77 0.94 -14.04
C GLY D 241 -13.71 1.07 -12.97
N SER D 242 -12.45 1.04 -13.38
CA SER D 242 -11.36 1.06 -12.42
C SER D 242 -11.18 2.45 -11.80
N GLN D 243 -11.71 3.46 -12.48
CA GLN D 243 -11.56 4.85 -12.05
C GLN D 243 -12.65 5.24 -11.04
N LYS D 244 -13.70 4.43 -10.95
CA LYS D 244 -14.81 4.72 -10.07
C LYS D 244 -14.39 4.87 -8.61
N ASP D 245 -13.29 4.20 -8.25
CA ASP D 245 -12.82 4.16 -6.86
C ASP D 245 -11.77 5.19 -6.54
N ASN D 246 -11.40 6.02 -7.51
CA ASN D 246 -10.29 6.95 -7.34
C ASN D 246 -10.64 8.22 -6.55
N TRP D 247 -11.91 8.61 -6.56
CA TRP D 247 -12.34 9.92 -6.08
C TRP D 247 -13.64 9.93 -5.27
N GLY D 248 -13.85 11.03 -4.53
CA GLY D 248 -15.08 11.27 -3.80
C GLY D 248 -15.41 10.20 -2.80
N HIS D 249 -16.70 9.93 -2.63
CA HIS D 249 -17.12 9.05 -1.54
C HIS D 249 -16.77 7.59 -1.80
N PHE D 250 -16.64 7.21 -3.07
CA PHE D 250 -16.14 5.87 -3.40
C PHE D 250 -14.65 5.64 -3.04
N ARG D 251 -13.83 6.65 -3.20
CA ARG D 251 -12.46 6.55 -2.68
C ARG D 251 -12.51 6.26 -1.17
N LEU D 252 -13.27 7.07 -0.45
CA LEU D 252 -13.42 6.84 0.98
C LEU D 252 -13.87 5.40 1.23
N LYS D 253 -14.86 4.96 0.48
CA LYS D 253 -15.40 3.61 0.70
C LYS D 253 -14.32 2.54 0.48
N LYS D 254 -13.57 2.69 -0.62
CA LYS D 254 -12.49 1.76 -0.94
C LYS D 254 -11.45 1.66 0.18
N LEU D 255 -11.06 2.80 0.75
CA LEU D 255 -10.08 2.83 1.84
C LEU D 255 -10.65 2.16 3.07
N LEU D 256 -11.92 2.44 3.36
CA LEU D 256 -12.57 1.86 4.54
C LEU D 256 -12.75 0.35 4.40
N LYS D 257 -13.10 -0.10 3.20
CA LYS D 257 -13.20 -1.52 2.94
C LYS D 257 -11.85 -2.20 3.16
N ASP D 258 -10.78 -1.60 2.64
CA ASP D 258 -9.45 -2.20 2.64
C ASP D 258 -8.66 -2.05 3.94
N HIS D 259 -8.89 -0.98 4.68
CA HIS D 259 -7.95 -0.61 5.74
C HIS D 259 -8.58 -0.36 7.10
N ALA D 260 -9.87 -0.69 7.20
CA ALA D 260 -10.58 -0.70 8.46
C ALA D 260 -11.21 -2.07 8.60
N SER D 261 -11.61 -2.43 9.82
CA SER D 261 -12.29 -3.70 10.03
C SER D 261 -13.53 -3.45 10.85
N SER D 262 -14.55 -4.28 10.64
CA SER D 262 -15.78 -4.12 11.41
C SER D 262 -15.59 -4.67 12.80
N MET D 263 -16.37 -4.15 13.73
CA MET D 263 -16.42 -4.70 15.07
C MET D 263 -17.83 -5.25 15.25
N PRO D 264 -18.06 -6.01 16.31
CA PRO D 264 -19.41 -6.46 16.63
C PRO D 264 -20.25 -5.24 16.98
N ASN D 265 -21.53 -5.27 16.63
CA ASN D 265 -22.41 -4.13 16.89
C ASN D 265 -21.98 -2.88 16.12
N ALA D 266 -21.36 -3.09 14.96
CA ALA D 266 -20.98 -2.00 14.06
C ALA D 266 -22.18 -1.14 13.68
N GLU D 267 -23.36 -1.75 13.59
CA GLU D 267 -24.59 -1.04 13.26
C GLU D 267 -24.90 0.04 14.30
N SER D 268 -24.24 -0.06 15.45
CA SER D 268 -24.46 0.90 16.51
C SER D 268 -23.48 2.09 16.49
N TRP D 269 -22.36 1.95 15.76
CA TRP D 269 -21.39 3.06 15.66
C TRP D 269 -21.96 4.12 14.74
N PRO D 270 -22.24 5.32 15.27
CA PRO D 270 -22.77 6.41 14.45
C PRO D 270 -21.81 6.90 13.36
N VAL D 271 -22.37 7.64 12.42
CA VAL D 271 -21.60 8.42 11.47
C VAL D 271 -21.84 9.88 11.83
N VAL D 272 -20.79 10.69 11.73
CA VAL D 272 -20.92 12.11 11.97
C VAL D 272 -20.35 12.86 10.79
N GLY D 273 -21.09 13.85 10.30
CA GLY D 273 -20.60 14.76 9.29
C GLY D 273 -20.78 16.20 9.74
N GLN D 274 -19.77 17.02 9.45
CA GLN D 274 -19.73 18.38 9.98
C GLN D 274 -19.19 19.26 8.87
N PHE D 275 -19.87 20.37 8.60
CA PHE D 275 -19.67 21.09 7.33
C PHE D 275 -20.24 22.49 7.37
N SER D 276 -19.94 23.26 6.34
CA SER D 276 -20.32 24.66 6.35
C SER D 276 -21.08 25.08 5.09
N SER D 277 -21.36 24.15 4.19
CA SER D 277 -22.20 24.48 3.05
C SER D 277 -23.00 23.23 2.71
N VAL D 278 -24.22 23.41 2.21
CA VAL D 278 -25.12 22.29 1.97
C VAL D 278 -25.64 22.30 0.52
N GLY D 279 -25.47 21.18 -0.18
CA GLY D 279 -25.90 21.10 -1.55
C GLY D 279 -27.36 20.69 -1.64
N SER D 280 -27.91 20.71 -2.85
CA SER D 280 -29.24 20.12 -3.06
C SER D 280 -29.13 18.60 -3.06
N LEU D 281 -29.64 17.98 -2.02
CA LEU D 281 -29.42 16.55 -1.80
C LEU D 281 -30.57 15.68 -2.33
N GLY D 282 -31.67 16.31 -2.74
CA GLY D 282 -32.78 15.56 -3.29
C GLY D 282 -34.05 15.67 -2.45
N ALA D 283 -35.15 15.14 -2.99
CA ALA D 283 -36.49 15.29 -2.40
C ALA D 283 -36.71 14.49 -1.13
N ASP D 284 -35.86 13.50 -0.88
CA ASP D 284 -35.89 12.79 0.40
C ASP D 284 -34.53 12.14 0.67
N GLU D 285 -34.39 11.54 1.85
CA GLU D 285 -33.13 10.95 2.28
C GLU D 285 -32.70 9.73 1.48
N SER D 286 -33.61 9.15 0.71
CA SER D 286 -33.27 7.96 -0.09
C SER D 286 -32.57 8.30 -1.42
N LYS D 287 -32.63 9.55 -1.84
CA LYS D 287 -32.06 9.93 -3.13
C LYS D 287 -30.52 9.95 -3.20
N TRP D 288 -29.86 10.21 -2.07
CA TRP D 288 -28.39 10.33 -2.06
C TRP D 288 -27.83 10.17 -0.67
N LEU D 289 -28.31 11.00 0.25
CA LEU D 289 -27.74 11.06 1.59
C LEU D 289 -27.67 9.69 2.27
N CYS D 290 -28.81 9.01 2.33
CA CYS D 290 -28.87 7.77 3.08
C CYS D 290 -28.76 6.53 2.20
N SER D 291 -28.54 6.71 0.90
CA SER D 291 -28.35 5.57 0.00
C SER D 291 -26.92 5.40 -0.51
N GLU D 292 -26.38 6.37 -1.23
CA GLU D 292 -24.99 6.20 -1.65
C GLU D 292 -23.94 6.79 -0.69
N PHE D 293 -24.20 7.97 -0.14
CA PHE D 293 -23.28 8.65 0.75
C PHE D 293 -23.09 7.97 2.12
N LYS D 294 -24.18 7.70 2.84
CA LYS D 294 -24.11 7.00 4.11
C LYS D 294 -23.57 5.58 3.95
N GLU D 295 -23.88 4.96 2.82
CA GLU D 295 -23.39 3.61 2.50
C GLU D 295 -21.85 3.58 2.42
N SER D 296 -21.29 4.57 1.74
CA SER D 296 -19.84 4.71 1.69
C SER D 296 -19.25 4.94 3.08
N MET D 297 -19.85 5.87 3.83
CA MET D 297 -19.36 6.22 5.17
C MET D 297 -19.53 5.16 6.26
N LEU D 298 -20.53 4.29 6.15
CA LEU D 298 -20.67 3.26 7.17
C LEU D 298 -19.88 1.98 6.81
N THR D 299 -19.21 1.99 5.67
CA THR D 299 -18.35 0.87 5.29
C THR D 299 -17.21 0.62 6.29
N LEU D 300 -17.03 -0.65 6.65
CA LEU D 300 -15.91 -1.09 7.47
C LEU D 300 -15.57 -2.52 7.06
N GLY D 301 -14.41 -2.72 6.45
CA GLY D 301 -13.99 -4.06 6.05
C GLY D 301 -14.75 -4.61 4.84
N SER D 311 -29.92 1.41 9.61
CA SER D 311 -30.05 1.41 11.07
C SER D 311 -29.02 2.33 11.76
N VAL D 312 -27.92 2.63 11.06
CA VAL D 312 -26.82 3.41 11.66
C VAL D 312 -27.24 4.87 11.90
N PRO D 313 -27.03 5.38 13.12
CA PRO D 313 -27.40 6.76 13.45
C PRO D 313 -26.52 7.75 12.69
N LEU D 314 -27.12 8.83 12.19
CA LEU D 314 -26.41 9.87 11.44
C LEU D 314 -26.56 11.24 12.10
N TYR D 315 -25.43 11.82 12.49
CA TYR D 315 -25.41 13.15 13.11
C TYR D 315 -24.85 14.13 12.09
N LEU D 316 -25.59 15.19 11.79
CA LEU D 316 -25.00 16.25 10.99
C LEU D 316 -24.91 17.51 11.80
N ILE D 317 -23.71 18.10 11.77
CA ILE D 317 -23.43 19.32 12.51
C ILE D 317 -23.33 20.49 11.54
N TYR D 318 -24.19 21.49 11.75
CA TYR D 318 -24.24 22.69 10.90
C TYR D 318 -24.86 23.80 11.75
N PRO D 319 -24.25 24.98 11.77
CA PRO D 319 -24.69 26.06 12.65
C PRO D 319 -26.15 26.48 12.52
N SER D 320 -26.86 26.53 13.66
CA SER D 320 -28.15 27.18 13.74
C SER D 320 -28.00 28.69 13.60
N VAL D 321 -29.13 29.36 13.35
CA VAL D 321 -29.17 30.81 13.33
C VAL D 321 -28.66 31.37 14.65
N GLU D 322 -29.06 30.78 15.76
CA GLU D 322 -28.60 31.21 17.07
C GLU D 322 -27.07 31.01 17.27
N ASN D 323 -26.51 29.94 16.71
CA ASN D 323 -25.05 29.77 16.73
C ASN D 323 -24.36 30.97 16.09
N VAL D 324 -24.90 31.38 14.95
CA VAL D 324 -24.33 32.47 14.18
C VAL D 324 -24.52 33.83 14.86
N ARG D 325 -25.72 34.08 15.35
CA ARG D 325 -26.02 35.35 16.00
C ARG D 325 -25.11 35.58 17.21
N THR D 326 -24.91 34.56 18.03
CA THR D 326 -24.12 34.76 19.23
C THR D 326 -22.62 34.59 19.01
N SER D 327 -22.18 34.48 17.77
CA SER D 327 -20.78 34.15 17.51
C SER D 327 -19.88 35.36 17.64
N LEU D 328 -18.57 35.12 17.64
CA LEU D 328 -17.57 36.21 17.71
C LEU D 328 -17.76 37.26 16.63
N GLU D 329 -18.15 36.82 15.42
CA GLU D 329 -18.32 37.73 14.28
C GLU D 329 -19.75 38.22 14.15
N GLY D 330 -20.66 37.53 14.81
CA GLY D 330 -22.07 37.83 14.65
C GLY D 330 -22.56 37.32 13.31
N TYR D 331 -23.62 37.95 12.80
CA TYR D 331 -24.28 37.52 11.56
C TYR D 331 -23.36 37.40 10.33
N PRO D 332 -22.36 38.28 10.18
CA PRO D 332 -21.40 38.18 9.07
C PRO D 332 -20.67 36.84 8.99
N ALA D 333 -20.64 36.09 10.08
CA ALA D 333 -20.12 34.74 10.04
C ALA D 333 -20.90 33.94 9.00
N GLY D 334 -22.19 34.26 8.85
CA GLY D 334 -23.04 33.55 7.90
C GLY D 334 -22.74 33.82 6.44
N GLY D 335 -21.87 34.80 6.18
CA GLY D 335 -21.35 35.03 4.83
C GLY D 335 -20.52 33.86 4.33
N SER D 336 -20.07 33.01 5.24
CA SER D 336 -19.26 31.83 4.91
C SER D 336 -20.02 30.56 5.22
N LEU D 337 -21.34 30.68 5.33
CA LEU D 337 -22.24 29.53 5.50
C LEU D 337 -23.34 29.66 4.47
N PRO D 338 -23.00 29.49 3.20
CA PRO D 338 -23.88 29.92 2.10
C PRO D 338 -25.04 28.95 1.78
N TYR D 339 -25.78 28.49 2.78
CA TYR D 339 -27.00 27.67 2.55
C TYR D 339 -28.13 28.61 2.12
N SER D 340 -28.64 28.42 0.90
CA SER D 340 -29.61 29.36 0.35
C SER D 340 -31.04 28.87 0.58
N ILE D 341 -32.00 29.78 0.70
CA ILE D 341 -33.39 29.34 0.96
C ILE D 341 -33.93 28.45 -0.18
N GLN D 342 -33.54 28.77 -1.40
CA GLN D 342 -33.91 27.98 -2.59
C GLN D 342 -33.57 26.50 -2.46
N THR D 343 -32.39 26.20 -1.93
CA THR D 343 -32.01 24.82 -1.71
C THR D 343 -32.78 24.27 -0.54
N ALA D 344 -32.71 24.98 0.58
CA ALA D 344 -33.32 24.56 1.83
C ALA D 344 -34.82 24.23 1.75
N GLU D 345 -35.60 25.05 1.05
CA GLU D 345 -37.06 24.83 1.01
C GLU D 345 -37.41 23.56 0.24
N LYS D 346 -36.49 23.08 -0.58
CA LYS D 346 -36.66 21.82 -1.30
C LYS D 346 -36.38 20.57 -0.45
N GLN D 347 -35.76 20.73 0.71
CA GLN D 347 -35.29 19.55 1.45
C GLN D 347 -35.42 19.71 2.95
N ASN D 348 -36.59 20.12 3.40
CA ASN D 348 -36.79 20.26 4.83
C ASN D 348 -36.59 19.00 5.64
N TRP D 349 -36.80 17.83 5.04
CA TRP D 349 -36.50 16.55 5.68
C TRP D 349 -35.07 16.50 6.27
N LEU D 350 -34.12 17.13 5.57
CA LEU D 350 -32.71 17.07 5.96
C LEU D 350 -32.50 17.64 7.36
N HIS D 351 -33.33 18.59 7.74
CA HIS D 351 -33.03 19.39 8.92
C HIS D 351 -33.27 18.67 10.23
N SER D 352 -34.01 17.57 10.18
CA SER D 352 -34.17 16.77 11.39
C SER D 352 -32.90 15.96 11.69
N TYR D 353 -31.92 16.02 10.79
CA TYR D 353 -30.61 15.41 11.06
C TYR D 353 -29.63 16.40 11.67
N PHE D 354 -30.03 17.66 11.76
CA PHE D 354 -29.08 18.71 12.09
C PHE D 354 -28.83 18.88 13.58
N HIS D 355 -27.55 19.06 13.93
CA HIS D 355 -27.14 19.35 15.29
C HIS D 355 -26.32 20.65 15.38
N LYS D 356 -26.36 21.29 16.57
CA LYS D 356 -25.76 22.61 16.78
C LYS D 356 -24.25 22.54 16.75
N TRP D 357 -23.62 23.67 16.48
CA TRP D 357 -22.19 23.75 16.62
C TRP D 357 -21.90 24.00 18.08
N SER D 358 -21.05 23.15 18.66
CA SER D 358 -20.59 23.33 20.03
C SER D 358 -19.17 22.80 20.14
N ALA D 359 -18.28 23.57 20.76
CA ALA D 359 -16.88 23.19 20.81
C ALA D 359 -16.22 23.71 22.07
N GLU D 360 -16.89 23.49 23.21
CA GLU D 360 -16.30 23.74 24.53
C GLU D 360 -14.91 23.12 24.66
N THR D 361 -14.74 21.89 24.16
CA THR D 361 -13.45 21.18 24.21
C THR D 361 -12.28 22.01 23.72
N SER D 362 -12.54 22.90 22.78
CA SER D 362 -11.47 23.68 22.16
C SER D 362 -11.71 25.19 22.36
N GLY D 363 -12.69 25.54 23.19
CA GLY D 363 -12.99 26.94 23.47
C GLY D 363 -13.51 27.65 22.24
N ARG D 364 -14.15 26.91 21.34
CA ARG D 364 -14.52 27.47 20.03
C ARG D 364 -16.00 27.43 19.69
N SER D 365 -16.85 27.39 20.72
CA SER D 365 -18.30 27.37 20.50
C SER D 365 -18.75 28.61 19.74
N ASN D 366 -18.05 29.72 19.94
CA ASN D 366 -18.40 30.99 19.27
C ASN D 366 -17.57 31.29 18.03
N ALA D 367 -16.68 30.37 17.68
CA ALA D 367 -15.92 30.50 16.45
C ALA D 367 -16.54 29.62 15.36
N MET D 368 -17.36 30.23 14.50
CA MET D 368 -18.16 29.47 13.53
C MET D 368 -17.30 28.53 12.65
N PRO D 369 -17.79 27.32 12.39
CA PRO D 369 -16.97 26.33 11.70
C PRO D 369 -16.88 26.62 10.23
N HIS D 370 -15.66 26.60 9.73
CA HIS D 370 -15.46 26.56 8.29
C HIS D 370 -14.70 25.26 7.98
N ILE D 371 -14.18 24.62 9.03
CA ILE D 371 -13.64 23.27 8.92
C ILE D 371 -14.73 22.29 8.46
N LYS D 372 -14.33 21.17 7.85
CA LYS D 372 -15.25 20.09 7.52
C LYS D 372 -14.62 18.78 7.94
N THR D 373 -15.38 17.93 8.61
CA THR D 373 -14.87 16.66 9.12
C THR D 373 -15.98 15.63 9.08
N TYR D 374 -15.56 14.39 9.03
CA TYR D 374 -16.45 13.24 8.99
C TYR D 374 -15.72 12.22 9.84
N MET D 375 -16.48 11.44 10.62
CA MET D 375 -15.87 10.47 11.49
C MET D 375 -16.89 9.38 11.88
N ARG D 376 -16.38 8.30 12.47
CA ARG D 376 -17.18 7.15 12.85
C ARG D 376 -16.97 6.80 14.33
N PRO D 377 -17.68 7.48 15.22
CA PRO D 377 -17.47 7.28 16.65
C PRO D 377 -18.12 6.00 17.14
N SER D 378 -17.72 5.50 18.30
CA SER D 378 -18.40 4.37 18.93
C SER D 378 -19.72 4.86 19.54
N PRO D 379 -20.58 3.94 19.98
CA PRO D 379 -21.90 4.34 20.52
C PRO D 379 -21.83 5.32 21.69
N ASP D 380 -20.80 5.26 22.53
CA ASP D 380 -20.67 6.23 23.62
C ASP D 380 -19.71 7.39 23.29
N PHE D 381 -19.30 7.47 22.02
CA PHE D 381 -18.52 8.59 21.48
C PHE D 381 -17.15 8.70 22.15
N SER D 382 -16.67 7.61 22.76
CA SER D 382 -15.39 7.64 23.47
C SER D 382 -14.23 7.22 22.59
N LYS D 383 -14.54 6.60 21.45
CA LYS D 383 -13.51 6.28 20.48
C LYS D 383 -14.01 6.42 19.06
N ILE D 384 -13.07 6.47 18.12
CA ILE D 384 -13.44 6.58 16.73
C ILE D 384 -12.72 5.54 15.87
N ALA D 385 -13.43 5.06 14.85
CA ALA D 385 -12.85 4.11 13.91
C ALA D 385 -11.96 4.79 12.87
N TRP D 386 -12.20 6.08 12.63
CA TRP D 386 -11.49 6.91 11.66
C TRP D 386 -11.98 8.34 11.75
N PHE D 387 -11.19 9.25 11.21
CA PHE D 387 -11.51 10.68 11.22
C PHE D 387 -10.99 11.22 9.91
N LEU D 388 -11.76 12.10 9.27
CA LEU D 388 -11.38 12.72 8.02
C LEU D 388 -11.49 14.23 8.19
N VAL D 389 -10.47 14.99 7.80
CA VAL D 389 -10.59 16.43 7.66
C VAL D 389 -10.42 16.75 6.18
N THR D 390 -11.27 17.63 5.64
CA THR D 390 -11.34 17.79 4.20
C THR D 390 -11.88 19.16 3.82
N SER D 391 -11.74 19.54 2.55
CA SER D 391 -12.44 20.76 2.12
C SER D 391 -13.89 20.45 1.74
N ALA D 392 -14.25 19.17 1.68
CA ALA D 392 -15.54 18.77 1.07
C ALA D 392 -16.73 19.02 1.98
N ASN D 393 -17.62 19.92 1.55
CA ASN D 393 -18.86 20.13 2.27
C ASN D 393 -19.91 19.06 1.95
N LEU D 394 -21.11 19.21 2.49
CA LEU D 394 -22.15 18.21 2.27
C LEU D 394 -22.89 18.47 0.96
N SER D 395 -22.26 18.10 -0.16
CA SER D 395 -22.86 18.28 -1.48
C SER D 395 -22.47 17.13 -2.41
N LYS D 396 -23.33 16.86 -3.38
CA LYS D 396 -23.01 15.89 -4.43
C LYS D 396 -21.90 16.41 -5.32
N ALA D 397 -21.85 17.73 -5.46
CA ALA D 397 -20.81 18.38 -6.24
C ALA D 397 -19.43 17.95 -5.77
N ALA D 398 -19.26 17.95 -4.44
CA ALA D 398 -17.97 17.69 -3.79
C ALA D 398 -17.70 16.21 -3.67
N TRP D 399 -18.75 15.47 -3.33
CA TRP D 399 -18.59 14.06 -2.97
C TRP D 399 -18.87 13.10 -4.12
N GLY D 400 -19.63 13.56 -5.11
CA GLY D 400 -19.96 12.73 -6.26
C GLY D 400 -21.34 12.12 -6.12
N ALA D 401 -22.03 11.96 -7.25
CA ALA D 401 -23.29 11.23 -7.30
C ALA D 401 -23.25 10.21 -8.44
N LEU D 402 -23.75 9.01 -8.16
CA LEU D 402 -23.85 7.93 -9.14
C LEU D 402 -24.81 8.25 -10.28
N GLU D 403 -24.36 7.96 -11.50
CA GLU D 403 -25.11 8.18 -12.73
C GLU D 403 -25.06 6.87 -13.52
N LYS D 404 -25.73 6.86 -14.67
CA LYS D 404 -25.74 5.70 -15.57
C LYS D 404 -26.05 4.42 -14.83
N ASN D 405 -27.09 4.46 -14.00
CA ASN D 405 -27.54 3.28 -13.26
C ASN D 405 -26.46 2.65 -12.37
N GLY D 406 -25.89 3.45 -11.47
CA GLY D 406 -24.92 2.98 -10.48
C GLY D 406 -23.56 2.58 -10.98
N THR D 407 -23.22 2.90 -12.22
CA THR D 407 -21.94 2.46 -12.77
C THR D 407 -20.96 3.61 -12.98
N GLN D 408 -21.40 4.82 -12.71
CA GLN D 408 -20.57 5.99 -13.01
C GLN D 408 -20.69 7.08 -11.94
N LEU D 409 -19.55 7.49 -11.38
CA LEU D 409 -19.55 8.54 -10.36
C LEU D 409 -19.26 9.87 -11.02
N MET D 410 -20.17 10.83 -10.85
CA MET D 410 -19.99 12.16 -11.41
C MET D 410 -19.64 13.17 -10.32
N ILE D 411 -18.58 13.94 -10.56
CA ILE D 411 -18.10 14.90 -9.58
C ILE D 411 -17.89 16.21 -10.30
N ARG D 412 -18.25 17.31 -9.64
CA ARG D 412 -18.19 18.61 -10.29
C ARG D 412 -16.96 19.41 -9.90
N SER D 413 -16.42 19.07 -8.73
CA SER D 413 -15.48 19.94 -8.03
C SER D 413 -14.12 19.31 -7.71
N TYR D 414 -13.14 20.16 -7.43
CA TYR D 414 -11.90 19.74 -6.80
C TYR D 414 -12.05 19.85 -5.28
N GLU D 415 -11.71 18.78 -4.57
CA GLU D 415 -11.70 18.75 -3.12
C GLU D 415 -10.52 17.89 -2.64
N LEU D 416 -10.10 18.07 -1.40
CA LEU D 416 -8.95 17.31 -0.91
C LEU D 416 -9.01 17.20 0.60
N GLY D 417 -8.80 16.01 1.13
CA GLY D 417 -8.80 15.82 2.56
C GLY D 417 -7.81 14.75 2.97
N VAL D 418 -7.61 14.60 4.27
CA VAL D 418 -6.75 13.52 4.77
C VAL D 418 -7.47 12.68 5.76
N LEU D 419 -7.38 11.37 5.58
CA LEU D 419 -8.05 10.39 6.42
C LEU D 419 -7.08 9.75 7.38
N PHE D 420 -7.42 9.82 8.68
CA PHE D 420 -6.68 9.16 9.75
C PHE D 420 -7.33 7.81 10.03
N LEU D 421 -6.56 6.74 9.83
CA LEU D 421 -7.03 5.39 10.06
C LEU D 421 -6.17 4.77 11.17
N PRO D 422 -6.81 4.18 12.18
CA PRO D 422 -6.09 3.51 13.27
C PRO D 422 -5.03 2.53 12.73
N SER D 423 -5.39 1.79 11.68
CA SER D 423 -4.49 0.81 11.06
C SER D 423 -3.17 1.42 10.62
N ALA D 424 -3.18 2.68 10.24
CA ALA D 424 -1.95 3.33 9.76
C ALA D 424 -1.01 3.64 10.91
N LEU D 425 -1.51 3.53 12.14
CA LEU D 425 -0.65 3.62 13.32
C LEU D 425 -0.48 2.28 14.03
N GLY D 426 -1.01 1.21 13.44
CA GLY D 426 -0.98 -0.10 14.08
C GLY D 426 -2.04 -0.31 15.14
N LEU D 427 -3.06 0.53 15.15
CA LEU D 427 -4.13 0.47 16.15
C LEU D 427 -5.45 -0.03 15.54
N ASP D 428 -6.43 -0.32 16.39
CA ASP D 428 -7.79 -0.70 15.96
C ASP D 428 -8.79 0.46 16.02
N SER D 429 -8.59 1.37 16.95
CA SER D 429 -9.44 2.56 17.07
C SER D 429 -8.61 3.68 17.70
N PHE D 430 -9.08 4.92 17.59
CA PHE D 430 -8.47 6.01 18.37
C PHE D 430 -9.36 6.34 19.57
N LYS D 431 -8.75 6.58 20.71
CA LYS D 431 -9.46 7.14 21.83
C LYS D 431 -9.68 8.61 21.53
N VAL D 432 -10.87 9.10 21.83
CA VAL D 432 -11.18 10.50 21.60
C VAL D 432 -10.59 11.32 22.75
N LYS D 433 -9.87 12.38 22.41
CA LYS D 433 -9.33 13.28 23.41
C LYS D 433 -10.47 14.19 23.90
N GLN D 434 -10.74 14.16 25.22
CA GLN D 434 -11.91 14.86 25.77
C GLN D 434 -11.74 16.37 25.85
N LYS D 435 -10.50 16.81 26.05
CA LYS D 435 -10.19 18.23 26.04
C LYS D 435 -9.15 18.46 24.95
N PHE D 436 -9.49 19.27 23.95
CA PHE D 436 -8.63 19.45 22.79
C PHE D 436 -7.18 19.87 23.13
N PHE D 437 -7.03 20.70 24.17
CA PHE D 437 -5.71 21.27 24.51
C PHE D 437 -5.07 20.72 25.81
N THR D 446 -4.40 9.39 21.26
CA THR D 446 -5.78 9.86 21.34
C THR D 446 -6.02 11.02 20.38
N PHE D 447 -7.04 10.88 19.56
CA PHE D 447 -7.34 11.85 18.53
C PHE D 447 -8.02 13.14 19.01
N PRO D 448 -7.46 14.28 18.66
CA PRO D 448 -8.05 15.55 19.05
C PRO D 448 -9.28 15.97 18.21
N VAL D 449 -10.44 15.38 18.48
CA VAL D 449 -11.72 15.85 17.92
C VAL D 449 -11.96 17.29 18.38
N PRO D 450 -12.10 18.22 17.42
CA PRO D 450 -12.14 19.66 17.72
C PRO D 450 -13.46 20.17 18.32
N TYR D 451 -14.52 19.37 18.26
CA TYR D 451 -15.80 19.84 18.78
C TYR D 451 -16.40 18.85 19.76
N ASP D 452 -17.48 19.23 20.42
CA ASP D 452 -18.02 18.45 21.51
C ASP D 452 -18.80 17.22 21.04
N LEU D 453 -18.77 16.17 21.86
CA LEU D 453 -19.55 14.97 21.63
C LEU D 453 -20.27 14.57 22.92
N PRO D 454 -21.46 13.98 22.79
CA PRO D 454 -22.12 13.77 21.50
C PRO D 454 -22.69 15.11 21.00
N PRO D 455 -23.00 15.21 19.73
CA PRO D 455 -23.54 16.47 19.18
C PRO D 455 -24.97 16.75 19.71
N GLU D 456 -25.31 18.01 19.93
CA GLU D 456 -26.63 18.37 20.44
C GLU D 456 -27.62 18.68 19.32
N LEU D 457 -28.74 17.95 19.31
CA LEU D 457 -29.82 18.16 18.33
C LEU D 457 -30.36 19.61 18.38
N TYR D 458 -30.78 20.16 17.24
CA TYR D 458 -31.44 21.45 17.24
C TYR D 458 -32.63 21.43 18.21
N GLY D 459 -32.95 22.57 18.82
CA GLY D 459 -34.14 22.68 19.65
C GLY D 459 -35.36 22.87 18.76
N SER D 460 -36.55 22.88 19.35
CA SER D 460 -37.78 23.07 18.57
C SER D 460 -37.82 24.44 17.90
N LYS D 461 -37.19 25.43 18.51
CA LYS D 461 -37.18 26.78 17.92
C LYS D 461 -35.96 27.09 17.05
N ASP D 462 -35.04 26.14 16.94
CA ASP D 462 -33.84 26.33 16.15
C ASP D 462 -34.10 26.15 14.66
N ARG D 463 -33.34 26.88 13.86
CA ARG D 463 -33.37 26.76 12.41
C ARG D 463 -31.93 26.72 11.88
N PRO D 464 -31.72 26.08 10.74
CA PRO D 464 -30.39 26.06 10.13
C PRO D 464 -30.05 27.47 9.66
N TRP D 465 -28.79 27.87 9.78
CA TRP D 465 -28.41 29.14 9.17
C TRP D 465 -28.68 29.07 7.67
N ILE D 466 -29.44 30.04 7.17
CA ILE D 466 -29.74 30.13 5.75
C ILE D 466 -29.36 31.55 5.41
N TRP D 467 -28.42 31.72 4.48
CA TRP D 467 -27.75 33.02 4.39
C TRP D 467 -28.48 34.16 3.66
N ASN D 468 -29.43 33.82 2.78
CA ASN D 468 -30.06 34.87 1.99
C ASN D 468 -31.51 35.19 2.39
N ILE D 469 -31.81 35.06 3.68
CA ILE D 469 -33.06 35.58 4.24
C ILE D 469 -32.70 36.46 5.41
N PRO D 470 -33.62 37.32 5.81
CA PRO D 470 -33.33 38.32 6.85
C PRO D 470 -33.52 37.77 8.27
N TYR D 471 -32.77 38.33 9.20
CA TYR D 471 -32.92 37.98 10.60
C TYR D 471 -33.00 39.30 11.34
N VAL D 472 -34.20 39.64 11.79
CA VAL D 472 -34.43 40.94 12.42
C VAL D 472 -35.01 40.86 13.84
N LYS D 473 -35.23 39.65 14.34
CA LYS D 473 -35.88 39.50 15.65
C LYS D 473 -34.95 39.86 16.81
N ALA D 474 -33.68 39.51 16.67
CA ALA D 474 -32.70 39.75 17.71
C ALA D 474 -31.33 40.08 17.11
N PRO D 475 -30.66 41.06 17.69
CA PRO D 475 -29.39 41.54 17.14
C PRO D 475 -28.23 40.60 17.48
N ASP D 476 -27.14 40.72 16.72
CA ASP D 476 -26.00 39.86 16.90
C ASP D 476 -25.03 40.49 17.90
N THR D 477 -23.87 39.86 18.11
CA THR D 477 -22.95 40.30 19.16
C THR D 477 -22.31 41.67 18.90
N HIS D 478 -22.54 42.24 17.71
CA HIS D 478 -22.00 43.56 17.34
C HIS D 478 -23.11 44.59 17.30
N GLY D 479 -24.32 44.16 17.67
CA GLY D 479 -25.47 45.03 17.74
C GLY D 479 -26.25 45.12 16.44
N ASN D 480 -25.89 44.32 15.44
CA ASN D 480 -26.54 44.37 14.14
C ASN D 480 -27.58 43.28 13.87
N MET D 481 -28.38 43.52 12.84
CA MET D 481 -29.34 42.56 12.30
C MET D 481 -28.80 42.11 10.95
N TRP D 482 -29.53 41.23 10.27
CA TRP D 482 -29.09 40.68 8.98
C TRP D 482 -30.13 40.92 7.89
N VAL D 483 -29.76 41.68 6.86
CA VAL D 483 -30.66 42.02 5.77
C VAL D 483 -29.91 41.95 4.45
N PRO D 484 -29.90 40.78 3.83
CA PRO D 484 -29.15 40.55 2.59
C PRO D 484 -29.85 41.13 1.34
N LYS E 1 11.90 -35.31 6.61
CA LYS E 1 12.20 -35.69 5.20
C LYS E 1 13.61 -35.21 4.84
N LEU E 2 14.48 -36.16 4.48
CA LEU E 2 15.87 -35.83 4.15
C LEU E 2 16.10 -35.61 2.64
N ASN E 3 15.07 -35.89 1.83
CA ASN E 3 15.15 -35.71 0.39
C ASN E 3 13.81 -36.01 -0.31
N TYR E 4 13.80 -35.90 -1.63
CA TYR E 4 12.62 -36.16 -2.44
C TYR E 4 12.40 -37.68 -2.59
N LYS E 5 13.51 -38.42 -2.48
CA LYS E 5 13.58 -39.82 -2.88
C LYS E 5 12.97 -40.78 -1.87
N LEU F 2 -12.90 36.87 -4.03
CA LEU F 2 -12.64 37.56 -2.73
C LEU F 2 -13.46 36.97 -1.57
N ASN F 3 -14.62 36.39 -1.88
CA ASN F 3 -15.47 35.75 -0.88
C ASN F 3 -16.63 35.03 -1.57
N TYR F 4 -17.47 34.39 -0.76
CA TYR F 4 -18.64 33.70 -1.27
C TYR F 4 -19.65 34.70 -1.84
#